data_1L4T
# 
_entry.id   1L4T 
# 
_audit_conform.dict_name       mmcif_pdbx.dic 
_audit_conform.dict_version    5.399 
_audit_conform.dict_location   http://mmcif.pdb.org/dictionaries/ascii/mmcif_pdbx.dic 
# 
loop_
_database_2.database_id 
_database_2.database_code 
_database_2.pdbx_database_accession 
_database_2.pdbx_DOI 
PDB   1L4T         pdb_00001l4t 10.2210/pdb1l4t/pdb 
RCSB  RCSB015645   ?            ?                   
WWPDB D_1000015645 ?            ?                   
# 
loop_
_pdbx_audit_revision_history.ordinal 
_pdbx_audit_revision_history.data_content_type 
_pdbx_audit_revision_history.major_revision 
_pdbx_audit_revision_history.minor_revision 
_pdbx_audit_revision_history.revision_date 
1 'Structure model' 1 0 2003-01-28 
2 'Structure model' 1 1 2008-04-28 
3 'Structure model' 1 2 2011-07-13 
4 'Structure model' 1 3 2022-02-23 
5 'Structure model' 1 4 2024-11-20 
# 
_pdbx_audit_revision_details.ordinal             1 
_pdbx_audit_revision_details.revision_ordinal    1 
_pdbx_audit_revision_details.data_content_type   'Structure model' 
_pdbx_audit_revision_details.provider            repository 
_pdbx_audit_revision_details.type                'Initial release' 
_pdbx_audit_revision_details.description         ? 
_pdbx_audit_revision_details.details             ? 
# 
loop_
_pdbx_audit_revision_group.ordinal 
_pdbx_audit_revision_group.revision_ordinal 
_pdbx_audit_revision_group.data_content_type 
_pdbx_audit_revision_group.group 
1 2 'Structure model' 'Version format compliance' 
2 3 'Structure model' 'Version format compliance' 
3 4 'Structure model' 'Database references'       
4 4 'Structure model' 'Derived calculations'      
5 5 'Structure model' 'Data collection'           
6 5 'Structure model' 'Structure summary'         
# 
loop_
_pdbx_audit_revision_category.ordinal 
_pdbx_audit_revision_category.revision_ordinal 
_pdbx_audit_revision_category.data_content_type 
_pdbx_audit_revision_category.category 
1 4 'Structure model' database_2                
2 4 'Structure model' pdbx_struct_assembly      
3 4 'Structure model' pdbx_struct_oper_list     
4 4 'Structure model' struct_conn               
5 4 'Structure model' struct_site               
6 5 'Structure model' chem_comp_atom            
7 5 'Structure model' chem_comp_bond            
8 5 'Structure model' pdbx_entry_details        
9 5 'Structure model' pdbx_modification_feature 
# 
loop_
_pdbx_audit_revision_item.ordinal 
_pdbx_audit_revision_item.revision_ordinal 
_pdbx_audit_revision_item.data_content_type 
_pdbx_audit_revision_item.item 
1 4 'Structure model' '_database_2.pdbx_DOI'                
2 4 'Structure model' '_database_2.pdbx_database_accession' 
3 4 'Structure model' '_struct_conn.pdbx_leaving_atom_flag' 
4 4 'Structure model' '_struct_site.pdbx_auth_asym_id'      
5 4 'Structure model' '_struct_site.pdbx_auth_comp_id'      
6 4 'Structure model' '_struct_site.pdbx_auth_seq_id'       
# 
_pdbx_database_status.status_code                     REL 
_pdbx_database_status.entry_id                        1L4T 
_pdbx_database_status.recvd_initial_deposition_date   2002-03-05 
_pdbx_database_status.deposit_site                    RCSB 
_pdbx_database_status.process_site                    RCSB 
_pdbx_database_status.SG_entry                        . 
_pdbx_database_status.pdb_format_compatible           Y 
_pdbx_database_status.status_code_mr                  ? 
_pdbx_database_status.status_code_sf                  ? 
_pdbx_database_status.status_code_cs                  ? 
_pdbx_database_status.status_code_nmr_data            ? 
_pdbx_database_status.methods_development_category    ? 
# 
loop_
_audit_author.name 
_audit_author.pdbx_ordinal 
'Giragossian, C.' 1 
'Mierke, D.F.'    2 
# 
_citation.id                        primary 
_citation.title                     
'Intermolecular interactions between cholecystokinin-8 and the third extracellular loop of the cholecystokinin-2 receptor' 
_citation.journal_abbrev            Biochemistry 
_citation.journal_volume            41 
_citation.page_first                4560 
_citation.page_last                 4566 
_citation.year                      2002 
_citation.journal_id_ASTM           BICHAW 
_citation.country                   US 
_citation.journal_id_ISSN           0006-2960 
_citation.journal_id_CSD            0033 
_citation.book_publisher            ? 
_citation.pdbx_database_id_PubMed   11926817 
_citation.pdbx_database_id_DOI      10.1021/bi0160009 
# 
loop_
_citation_author.citation_id 
_citation_author.name 
_citation_author.ordinal 
_citation_author.identifier_ORCID 
primary 'Giragossian, C.' 1 ? 
primary 'Mierke, D.F.'    2 ? 
# 
_entity.id                         1 
_entity.type                       polymer 
_entity.src_method                 syn 
_entity.pdbx_description           'Gastrin/cholecystokinin type B receptor' 
_entity.formula_weight             2991.391 
_entity.pdbx_number_of_molecules   1 
_entity.pdbx_ec                    ? 
_entity.pdbx_mutation              ? 
_entity.pdbx_fragment              'EXTRACELLULAR DOMAIN, Residues 352-379' 
_entity.details                    ? 
# 
_entity_name_sys.entity_id   1 
_entity_name_sys.name        'CCK2E3, CCK-B receptor, CCK-BR' 
# 
_entity_poly.entity_id                      1 
_entity_poly.type                           'polypeptide(L)' 
_entity_poly.nstd_linkage                   no 
_entity_poly.nstd_monomer                   yes 
_entity_poly.pdbx_seq_one_letter_code       '(ACE)ANTWRAFDGPGAHRALSGAPISFIHLLS(NH2)' 
_entity_poly.pdbx_seq_one_letter_code_can   XANTWRAFDGPGAHRALSGAPISFIHLLSX 
_entity_poly.pdbx_strand_id                 A 
_entity_poly.pdbx_target_identifier         ? 
# 
loop_
_entity_poly_seq.entity_id 
_entity_poly_seq.num 
_entity_poly_seq.mon_id 
_entity_poly_seq.hetero 
1 1  ACE n 
1 2  ALA n 
1 3  ASN n 
1 4  THR n 
1 5  TRP n 
1 6  ARG n 
1 7  ALA n 
1 8  PHE n 
1 9  ASP n 
1 10 GLY n 
1 11 PRO n 
1 12 GLY n 
1 13 ALA n 
1 14 HIS n 
1 15 ARG n 
1 16 ALA n 
1 17 LEU n 
1 18 SER n 
1 19 GLY n 
1 20 ALA n 
1 21 PRO n 
1 22 ILE n 
1 23 SER n 
1 24 PHE n 
1 25 ILE n 
1 26 HIS n 
1 27 LEU n 
1 28 LEU n 
1 29 SER n 
1 30 NH2 n 
# 
_pdbx_entity_src_syn.entity_id              1 
_pdbx_entity_src_syn.pdbx_src_id            1 
_pdbx_entity_src_syn.pdbx_alt_source_flag   sample 
_pdbx_entity_src_syn.pdbx_beg_seq_num       ? 
_pdbx_entity_src_syn.pdbx_end_seq_num       ? 
_pdbx_entity_src_syn.organism_scientific    ? 
_pdbx_entity_src_syn.organism_common_name   ? 
_pdbx_entity_src_syn.ncbi_taxonomy_id       ? 
_pdbx_entity_src_syn.details                
'The peptide was synthesized using solid phase peptide synthesis. The sequence occurs naturally in Homo sapiens (Humans).' 
# 
loop_
_chem_comp.id 
_chem_comp.type 
_chem_comp.mon_nstd_flag 
_chem_comp.name 
_chem_comp.pdbx_synonyms 
_chem_comp.formula 
_chem_comp.formula_weight 
ACE non-polymer         . 'ACETYL GROUP'  ? 'C2 H4 O'        44.053  
ALA 'L-peptide linking' y ALANINE         ? 'C3 H7 N O2'     89.093  
ARG 'L-peptide linking' y ARGININE        ? 'C6 H15 N4 O2 1' 175.209 
ASN 'L-peptide linking' y ASPARAGINE      ? 'C4 H8 N2 O3'    132.118 
ASP 'L-peptide linking' y 'ASPARTIC ACID' ? 'C4 H7 N O4'     133.103 
GLY 'peptide linking'   y GLYCINE         ? 'C2 H5 N O2'     75.067  
HIS 'L-peptide linking' y HISTIDINE       ? 'C6 H10 N3 O2 1' 156.162 
ILE 'L-peptide linking' y ISOLEUCINE      ? 'C6 H13 N O2'    131.173 
LEU 'L-peptide linking' y LEUCINE         ? 'C6 H13 N O2'    131.173 
NH2 non-polymer         . 'AMINO GROUP'   ? 'H2 N'           16.023  
PHE 'L-peptide linking' y PHENYLALANINE   ? 'C9 H11 N O2'    165.189 
PRO 'L-peptide linking' y PROLINE         ? 'C5 H9 N O2'     115.130 
SER 'L-peptide linking' y SERINE          ? 'C3 H7 N O3'     105.093 
THR 'L-peptide linking' y THREONINE       ? 'C4 H9 N O3'     119.119 
TRP 'L-peptide linking' y TRYPTOPHAN      ? 'C11 H12 N2 O2'  204.225 
# 
loop_
_pdbx_poly_seq_scheme.asym_id 
_pdbx_poly_seq_scheme.entity_id 
_pdbx_poly_seq_scheme.seq_id 
_pdbx_poly_seq_scheme.mon_id 
_pdbx_poly_seq_scheme.ndb_seq_num 
_pdbx_poly_seq_scheme.pdb_seq_num 
_pdbx_poly_seq_scheme.auth_seq_num 
_pdbx_poly_seq_scheme.pdb_mon_id 
_pdbx_poly_seq_scheme.auth_mon_id 
_pdbx_poly_seq_scheme.pdb_strand_id 
_pdbx_poly_seq_scheme.pdb_ins_code 
_pdbx_poly_seq_scheme.hetero 
A 1 1  ACE 1  1  1  ACE ACE A . n 
A 1 2  ALA 2  2  2  ALA ALA A . n 
A 1 3  ASN 3  3  3  ASN ASN A . n 
A 1 4  THR 4  4  4  THR THR A . n 
A 1 5  TRP 5  5  5  TRP TRP A . n 
A 1 6  ARG 6  6  6  ARG ARG A . n 
A 1 7  ALA 7  7  7  ALA ALA A . n 
A 1 8  PHE 8  8  8  PHE PHE A . n 
A 1 9  ASP 9  9  9  ASP ASP A . n 
A 1 10 GLY 10 10 10 GLY GLY A . n 
A 1 11 PRO 11 11 11 PRO PRO A . n 
A 1 12 GLY 12 12 12 GLY GLY A . n 
A 1 13 ALA 13 13 13 ALA ALA A . n 
A 1 14 HIS 14 14 14 HIS HIS A . n 
A 1 15 ARG 15 15 15 ARG ARG A . n 
A 1 16 ALA 16 16 16 ALA ALA A . n 
A 1 17 LEU 17 17 17 LEU LEU A . n 
A 1 18 SER 18 18 18 SER SER A . n 
A 1 19 GLY 19 19 19 GLY GLY A . n 
A 1 20 ALA 20 20 20 ALA ALA A . n 
A 1 21 PRO 21 21 21 PRO PRO A . n 
A 1 22 ILE 22 22 22 ILE ILE A . n 
A 1 23 SER 23 23 23 SER SER A . n 
A 1 24 PHE 24 24 24 PHE PHE A . n 
A 1 25 ILE 25 25 25 ILE ILE A . n 
A 1 26 HIS 26 26 26 HIS HIS A . n 
A 1 27 LEU 27 27 27 LEU LEU A . n 
A 1 28 LEU 28 28 28 LEU LEU A . n 
A 1 29 SER 29 29 29 SER SER A . n 
A 1 30 NH2 30 30 30 NH2 NH2 A . n 
# 
_exptl.entry_id          1L4T 
_exptl.method            'SOLUTION NMR' 
_exptl.crystals_number   ? 
# 
_exptl_crystal.id                    1 
_exptl_crystal.density_meas          ? 
_exptl_crystal.density_Matthews      ? 
_exptl_crystal.density_percent_sol   ? 
_exptl_crystal.description           ? 
# 
_diffrn.id                     1 
_diffrn.crystal_id             1 
_diffrn.ambient_temp           ? 
_diffrn.ambient_temp_details   ? 
# 
_diffrn_radiation.diffrn_id                        1 
_diffrn_radiation.wavelength_id                    1 
_diffrn_radiation.pdbx_monochromatic_or_laue_m_l   M 
_diffrn_radiation.monochromator                    ? 
_diffrn_radiation.pdbx_diffrn_protocol             'SINGLE WAVELENGTH' 
_diffrn_radiation.pdbx_scattering_type             ? 
# 
_diffrn_radiation_wavelength.id           1 
_diffrn_radiation_wavelength.wavelength   . 
_diffrn_radiation_wavelength.wt           1.0 
# 
_struct.entry_id                  1L4T 
_struct.title                     'SOLUTION NMR STRUCTURE OF THE CCK2E3' 
_struct.pdbx_model_details        ? 
_struct.pdbx_CASP_flag            ? 
_struct.pdbx_model_type_details   'minimized average' 
# 
_struct_keywords.entry_id        1L4T 
_struct_keywords.pdbx_keywords   'HORMONE/GROWTH FACTOR RECEPTOR' 
_struct_keywords.text            'HORMONE/GROWTH FACTOR RECEPTOR, HORMONE-GROWTH FACTOR RECEPTOR complex' 
# 
_struct_asym.id                            A 
_struct_asym.pdbx_blank_PDB_chainid_flag   N 
_struct_asym.pdbx_modified                 N 
_struct_asym.entity_id                     1 
_struct_asym.details                       ? 
# 
_struct_ref.id                         1 
_struct_ref.db_name                    UNP 
_struct_ref.db_code                    GASR_HUMAN 
_struct_ref.entity_id                  1 
_struct_ref.pdbx_seq_one_letter_code   ANTWRAFDGPGAHRALSGAPISFIHLLS 
_struct_ref.pdbx_align_begin           352 
_struct_ref.pdbx_db_accession          P32239 
_struct_ref.pdbx_db_isoform            ? 
# 
_struct_ref_seq.align_id                      1 
_struct_ref_seq.ref_id                        1 
_struct_ref_seq.pdbx_PDB_id_code              1L4T 
_struct_ref_seq.pdbx_strand_id                A 
_struct_ref_seq.seq_align_beg                 2 
_struct_ref_seq.pdbx_seq_align_beg_ins_code   ? 
_struct_ref_seq.seq_align_end                 29 
_struct_ref_seq.pdbx_seq_align_end_ins_code   ? 
_struct_ref_seq.pdbx_db_accession             P32239 
_struct_ref_seq.db_align_beg                  352 
_struct_ref_seq.pdbx_db_align_beg_ins_code    ? 
_struct_ref_seq.db_align_end                  379 
_struct_ref_seq.pdbx_db_align_end_ins_code    ? 
_struct_ref_seq.pdbx_auth_seq_align_beg       2 
_struct_ref_seq.pdbx_auth_seq_align_end       29 
# 
_pdbx_struct_assembly.id                   1 
_pdbx_struct_assembly.details              author_defined_assembly 
_pdbx_struct_assembly.method_details       ? 
_pdbx_struct_assembly.oligomeric_details   monomeric 
_pdbx_struct_assembly.oligomeric_count     1 
# 
_pdbx_struct_assembly_gen.assembly_id       1 
_pdbx_struct_assembly_gen.oper_expression   1 
_pdbx_struct_assembly_gen.asym_id_list      A 
# 
_pdbx_struct_oper_list.id                   1 
_pdbx_struct_oper_list.type                 'identity operation' 
_pdbx_struct_oper_list.name                 1_555 
_pdbx_struct_oper_list.symmetry_operation   x,y,z 
_pdbx_struct_oper_list.matrix[1][1]         1.0000000000 
_pdbx_struct_oper_list.matrix[1][2]         0.0000000000 
_pdbx_struct_oper_list.matrix[1][3]         0.0000000000 
_pdbx_struct_oper_list.vector[1]            0.0000000000 
_pdbx_struct_oper_list.matrix[2][1]         0.0000000000 
_pdbx_struct_oper_list.matrix[2][2]         1.0000000000 
_pdbx_struct_oper_list.matrix[2][3]         0.0000000000 
_pdbx_struct_oper_list.vector[2]            0.0000000000 
_pdbx_struct_oper_list.matrix[3][1]         0.0000000000 
_pdbx_struct_oper_list.matrix[3][2]         0.0000000000 
_pdbx_struct_oper_list.matrix[3][3]         1.0000000000 
_pdbx_struct_oper_list.vector[3]            0.0000000000 
# 
_struct_biol.id   1 
# 
loop_
_struct_conf.conf_type_id 
_struct_conf.id 
_struct_conf.pdbx_PDB_helix_id 
_struct_conf.beg_label_comp_id 
_struct_conf.beg_label_asym_id 
_struct_conf.beg_label_seq_id 
_struct_conf.pdbx_beg_PDB_ins_code 
_struct_conf.end_label_comp_id 
_struct_conf.end_label_asym_id 
_struct_conf.end_label_seq_id 
_struct_conf.pdbx_end_PDB_ins_code 
_struct_conf.beg_auth_comp_id 
_struct_conf.beg_auth_asym_id 
_struct_conf.beg_auth_seq_id 
_struct_conf.end_auth_comp_id 
_struct_conf.end_auth_asym_id 
_struct_conf.end_auth_seq_id 
_struct_conf.pdbx_PDB_helix_class 
_struct_conf.details 
_struct_conf.pdbx_PDB_helix_length 
HELX_P HELX_P1 1 ALA A 2  ? ASP A 9  ? ALA A 2  ASP A 9  1 ? 8 
HELX_P HELX_P2 2 GLY A 12 ? GLY A 19 ? GLY A 12 GLY A 19 1 ? 8 
HELX_P HELX_P3 3 PRO A 21 ? SER A 29 ? PRO A 21 SER A 29 1 ? 9 
# 
_struct_conf_type.id          HELX_P 
_struct_conf_type.criteria    ? 
_struct_conf_type.reference   ? 
# 
loop_
_struct_conn.id 
_struct_conn.conn_type_id 
_struct_conn.pdbx_leaving_atom_flag 
_struct_conn.pdbx_PDB_id 
_struct_conn.ptnr1_label_asym_id 
_struct_conn.ptnr1_label_comp_id 
_struct_conn.ptnr1_label_seq_id 
_struct_conn.ptnr1_label_atom_id 
_struct_conn.pdbx_ptnr1_label_alt_id 
_struct_conn.pdbx_ptnr1_PDB_ins_code 
_struct_conn.pdbx_ptnr1_standard_comp_id 
_struct_conn.ptnr1_symmetry 
_struct_conn.ptnr2_label_asym_id 
_struct_conn.ptnr2_label_comp_id 
_struct_conn.ptnr2_label_seq_id 
_struct_conn.ptnr2_label_atom_id 
_struct_conn.pdbx_ptnr2_label_alt_id 
_struct_conn.pdbx_ptnr2_PDB_ins_code 
_struct_conn.ptnr1_auth_asym_id 
_struct_conn.ptnr1_auth_comp_id 
_struct_conn.ptnr1_auth_seq_id 
_struct_conn.ptnr2_auth_asym_id 
_struct_conn.ptnr2_auth_comp_id 
_struct_conn.ptnr2_auth_seq_id 
_struct_conn.ptnr2_symmetry 
_struct_conn.pdbx_ptnr3_label_atom_id 
_struct_conn.pdbx_ptnr3_label_seq_id 
_struct_conn.pdbx_ptnr3_label_comp_id 
_struct_conn.pdbx_ptnr3_label_asym_id 
_struct_conn.pdbx_ptnr3_label_alt_id 
_struct_conn.pdbx_ptnr3_PDB_ins_code 
_struct_conn.details 
_struct_conn.pdbx_dist_value 
_struct_conn.pdbx_value_order 
_struct_conn.pdbx_role 
covale1 covale both ? A ACE 1  C ? ? ? 1_555 A ALA 2  N ? ? A ACE 1  A ALA 2  1_555 ? ? ? ? ? ? ? 1.343 ? ? 
covale2 covale both ? A SER 29 C ? ? ? 1_555 A NH2 30 N ? ? A SER 29 A NH2 30 1_555 ? ? ? ? ? ? ? 1.330 ? ? 
# 
_struct_conn_type.id          covale 
_struct_conn_type.criteria    ? 
_struct_conn_type.reference   ? 
# 
loop_
_pdbx_modification_feature.ordinal 
_pdbx_modification_feature.label_comp_id 
_pdbx_modification_feature.label_asym_id 
_pdbx_modification_feature.label_seq_id 
_pdbx_modification_feature.label_alt_id 
_pdbx_modification_feature.modified_residue_label_comp_id 
_pdbx_modification_feature.modified_residue_label_asym_id 
_pdbx_modification_feature.modified_residue_label_seq_id 
_pdbx_modification_feature.modified_residue_label_alt_id 
_pdbx_modification_feature.auth_comp_id 
_pdbx_modification_feature.auth_asym_id 
_pdbx_modification_feature.auth_seq_id 
_pdbx_modification_feature.PDB_ins_code 
_pdbx_modification_feature.symmetry 
_pdbx_modification_feature.modified_residue_auth_comp_id 
_pdbx_modification_feature.modified_residue_auth_asym_id 
_pdbx_modification_feature.modified_residue_auth_seq_id 
_pdbx_modification_feature.modified_residue_PDB_ins_code 
_pdbx_modification_feature.modified_residue_symmetry 
_pdbx_modification_feature.comp_id_linking_atom 
_pdbx_modification_feature.modified_residue_id_linking_atom 
_pdbx_modification_feature.modified_residue_id 
_pdbx_modification_feature.ref_pcm_id 
_pdbx_modification_feature.ref_comp_id 
_pdbx_modification_feature.type 
_pdbx_modification_feature.category 
1 ACE A 1  ? ALA A 2  ? ACE A 1  ? 1_555 ALA A 2  ? 1_555 . . ALA 1 ACE None 'Terminal acetylation' 
2 NH2 A 30 ? SER A 29 ? NH2 A 30 ? 1_555 SER A 29 ? 1_555 . . SER 6 NH2 None 'Terminal amidation'   
# 
loop_
_struct_site.id 
_struct_site.pdbx_evidence_code 
_struct_site.pdbx_auth_asym_id 
_struct_site.pdbx_auth_comp_id 
_struct_site.pdbx_auth_seq_id 
_struct_site.pdbx_auth_ins_code 
_struct_site.pdbx_num_residues 
_struct_site.details 
AC1 Software A ACE 1  ? 1 'BINDING SITE FOR RESIDUE ACE A 1'  
AC2 Software A NH2 30 ? 1 'BINDING SITE FOR RESIDUE NH2 A 30' 
# 
loop_
_struct_site_gen.id 
_struct_site_gen.site_id 
_struct_site_gen.pdbx_num_res 
_struct_site_gen.label_comp_id 
_struct_site_gen.label_asym_id 
_struct_site_gen.label_seq_id 
_struct_site_gen.pdbx_auth_ins_code 
_struct_site_gen.auth_comp_id 
_struct_site_gen.auth_asym_id 
_struct_site_gen.auth_seq_id 
_struct_site_gen.label_atom_id 
_struct_site_gen.label_alt_id 
_struct_site_gen.symmetry 
_struct_site_gen.details 
1 AC1 1 TRP A 5  ? TRP A 5  . ? 1_555 ? 
2 AC2 1 SER A 29 ? SER A 29 . ? 1_555 ? 
# 
_pdbx_entry_details.entry_id                   1L4T 
_pdbx_entry_details.compound_details           ? 
_pdbx_entry_details.source_details             ? 
_pdbx_entry_details.nonpolymer_details         ? 
_pdbx_entry_details.sequence_details           ? 
_pdbx_entry_details.has_ligand_of_interest     ? 
_pdbx_entry_details.has_protein_modification   Y 
# 
_pdbx_validate_rmsd_bond.id                        1 
_pdbx_validate_rmsd_bond.PDB_model_num             1 
_pdbx_validate_rmsd_bond.auth_atom_id_1            CG 
_pdbx_validate_rmsd_bond.auth_asym_id_1            A 
_pdbx_validate_rmsd_bond.auth_comp_id_1            HIS 
_pdbx_validate_rmsd_bond.auth_seq_id_1             14 
_pdbx_validate_rmsd_bond.PDB_ins_code_1            ? 
_pdbx_validate_rmsd_bond.label_alt_id_1            ? 
_pdbx_validate_rmsd_bond.auth_atom_id_2            CD2 
_pdbx_validate_rmsd_bond.auth_asym_id_2            A 
_pdbx_validate_rmsd_bond.auth_comp_id_2            HIS 
_pdbx_validate_rmsd_bond.auth_seq_id_2             14 
_pdbx_validate_rmsd_bond.PDB_ins_code_2            ? 
_pdbx_validate_rmsd_bond.label_alt_id_2            ? 
_pdbx_validate_rmsd_bond.bond_value                1.408 
_pdbx_validate_rmsd_bond.bond_target_value         1.354 
_pdbx_validate_rmsd_bond.bond_deviation            0.054 
_pdbx_validate_rmsd_bond.bond_standard_deviation   0.009 
_pdbx_validate_rmsd_bond.linker_flag               N 
# 
loop_
_pdbx_validate_rmsd_angle.id 
_pdbx_validate_rmsd_angle.PDB_model_num 
_pdbx_validate_rmsd_angle.auth_atom_id_1 
_pdbx_validate_rmsd_angle.auth_asym_id_1 
_pdbx_validate_rmsd_angle.auth_comp_id_1 
_pdbx_validate_rmsd_angle.auth_seq_id_1 
_pdbx_validate_rmsd_angle.PDB_ins_code_1 
_pdbx_validate_rmsd_angle.label_alt_id_1 
_pdbx_validate_rmsd_angle.auth_atom_id_2 
_pdbx_validate_rmsd_angle.auth_asym_id_2 
_pdbx_validate_rmsd_angle.auth_comp_id_2 
_pdbx_validate_rmsd_angle.auth_seq_id_2 
_pdbx_validate_rmsd_angle.PDB_ins_code_2 
_pdbx_validate_rmsd_angle.label_alt_id_2 
_pdbx_validate_rmsd_angle.auth_atom_id_3 
_pdbx_validate_rmsd_angle.auth_asym_id_3 
_pdbx_validate_rmsd_angle.auth_comp_id_3 
_pdbx_validate_rmsd_angle.auth_seq_id_3 
_pdbx_validate_rmsd_angle.PDB_ins_code_3 
_pdbx_validate_rmsd_angle.label_alt_id_3 
_pdbx_validate_rmsd_angle.angle_value 
_pdbx_validate_rmsd_angle.angle_target_value 
_pdbx_validate_rmsd_angle.angle_deviation 
_pdbx_validate_rmsd_angle.angle_standard_deviation 
_pdbx_validate_rmsd_angle.linker_flag 
1 1 NE  A ARG 6  ? ? CZ  A ARG 6  ? ? NH1 A ARG 6  ? ? 124.30 120.30 4.00 0.50 N 
2 1 ND1 A HIS 14 ? ? CE1 A HIS 14 ? ? NE2 A HIS 14 ? ? 120.29 111.50 8.79 1.30 N 
3 1 NE  A ARG 15 ? ? CZ  A ARG 15 ? ? NH1 A ARG 15 ? ? 124.07 120.30 3.77 0.50 N 
4 1 ND1 A HIS 26 ? ? CE1 A HIS 26 ? ? NE2 A HIS 26 ? ? 120.30 111.50 8.80 1.30 N 
# 
_pdbx_validate_torsion.id              1 
_pdbx_validate_torsion.PDB_model_num   1 
_pdbx_validate_torsion.auth_comp_id    PRO 
_pdbx_validate_torsion.auth_asym_id    A 
_pdbx_validate_torsion.auth_seq_id     21 
_pdbx_validate_torsion.PDB_ins_code    ? 
_pdbx_validate_torsion.label_alt_id    ? 
_pdbx_validate_torsion.phi             -89.05 
_pdbx_validate_torsion.psi             -153.46 
# 
_pdbx_nmr_ensemble.entry_id                             1L4T 
_pdbx_nmr_ensemble.conformers_calculated_total_number   ? 
_pdbx_nmr_ensemble.conformers_submitted_total_number    1 
_pdbx_nmr_ensemble.conformer_selection_criteria         ? 
# 
_pdbx_nmr_representative.entry_id             1L4T 
_pdbx_nmr_representative.conformer_id         ? 
_pdbx_nmr_representative.selection_criteria   'minimized average structure' 
# 
loop_
_chem_comp_atom.comp_id 
_chem_comp_atom.atom_id 
_chem_comp_atom.type_symbol 
_chem_comp_atom.pdbx_aromatic_flag 
_chem_comp_atom.pdbx_stereo_config 
_chem_comp_atom.pdbx_ordinal 
ACE C    C N N 1   
ACE O    O N N 2   
ACE CH3  C N N 3   
ACE H    H N N 4   
ACE H1   H N N 5   
ACE H2   H N N 6   
ACE H3   H N N 7   
ALA N    N N N 8   
ALA CA   C N S 9   
ALA C    C N N 10  
ALA O    O N N 11  
ALA CB   C N N 12  
ALA OXT  O N N 13  
ALA H    H N N 14  
ALA H2   H N N 15  
ALA HA   H N N 16  
ALA HB1  H N N 17  
ALA HB2  H N N 18  
ALA HB3  H N N 19  
ALA HXT  H N N 20  
ARG N    N N N 21  
ARG CA   C N S 22  
ARG C    C N N 23  
ARG O    O N N 24  
ARG CB   C N N 25  
ARG CG   C N N 26  
ARG CD   C N N 27  
ARG NE   N N N 28  
ARG CZ   C N N 29  
ARG NH1  N N N 30  
ARG NH2  N N N 31  
ARG OXT  O N N 32  
ARG H    H N N 33  
ARG H2   H N N 34  
ARG HA   H N N 35  
ARG HB2  H N N 36  
ARG HB3  H N N 37  
ARG HG2  H N N 38  
ARG HG3  H N N 39  
ARG HD2  H N N 40  
ARG HD3  H N N 41  
ARG HE   H N N 42  
ARG HH11 H N N 43  
ARG HH12 H N N 44  
ARG HH21 H N N 45  
ARG HH22 H N N 46  
ARG HXT  H N N 47  
ASN N    N N N 48  
ASN CA   C N S 49  
ASN C    C N N 50  
ASN O    O N N 51  
ASN CB   C N N 52  
ASN CG   C N N 53  
ASN OD1  O N N 54  
ASN ND2  N N N 55  
ASN OXT  O N N 56  
ASN H    H N N 57  
ASN H2   H N N 58  
ASN HA   H N N 59  
ASN HB2  H N N 60  
ASN HB3  H N N 61  
ASN HD21 H N N 62  
ASN HD22 H N N 63  
ASN HXT  H N N 64  
ASP N    N N N 65  
ASP CA   C N S 66  
ASP C    C N N 67  
ASP O    O N N 68  
ASP CB   C N N 69  
ASP CG   C N N 70  
ASP OD1  O N N 71  
ASP OD2  O N N 72  
ASP OXT  O N N 73  
ASP H    H N N 74  
ASP H2   H N N 75  
ASP HA   H N N 76  
ASP HB2  H N N 77  
ASP HB3  H N N 78  
ASP HD2  H N N 79  
ASP HXT  H N N 80  
GLY N    N N N 81  
GLY CA   C N N 82  
GLY C    C N N 83  
GLY O    O N N 84  
GLY OXT  O N N 85  
GLY H    H N N 86  
GLY H2   H N N 87  
GLY HA2  H N N 88  
GLY HA3  H N N 89  
GLY HXT  H N N 90  
HIS N    N N N 91  
HIS CA   C N S 92  
HIS C    C N N 93  
HIS O    O N N 94  
HIS CB   C N N 95  
HIS CG   C Y N 96  
HIS ND1  N Y N 97  
HIS CD2  C Y N 98  
HIS CE1  C Y N 99  
HIS NE2  N Y N 100 
HIS OXT  O N N 101 
HIS H    H N N 102 
HIS H2   H N N 103 
HIS HA   H N N 104 
HIS HB2  H N N 105 
HIS HB3  H N N 106 
HIS HD1  H N N 107 
HIS HD2  H N N 108 
HIS HE1  H N N 109 
HIS HE2  H N N 110 
HIS HXT  H N N 111 
ILE N    N N N 112 
ILE CA   C N S 113 
ILE C    C N N 114 
ILE O    O N N 115 
ILE CB   C N S 116 
ILE CG1  C N N 117 
ILE CG2  C N N 118 
ILE CD1  C N N 119 
ILE OXT  O N N 120 
ILE H    H N N 121 
ILE H2   H N N 122 
ILE HA   H N N 123 
ILE HB   H N N 124 
ILE HG12 H N N 125 
ILE HG13 H N N 126 
ILE HG21 H N N 127 
ILE HG22 H N N 128 
ILE HG23 H N N 129 
ILE HD11 H N N 130 
ILE HD12 H N N 131 
ILE HD13 H N N 132 
ILE HXT  H N N 133 
LEU N    N N N 134 
LEU CA   C N S 135 
LEU C    C N N 136 
LEU O    O N N 137 
LEU CB   C N N 138 
LEU CG   C N N 139 
LEU CD1  C N N 140 
LEU CD2  C N N 141 
LEU OXT  O N N 142 
LEU H    H N N 143 
LEU H2   H N N 144 
LEU HA   H N N 145 
LEU HB2  H N N 146 
LEU HB3  H N N 147 
LEU HG   H N N 148 
LEU HD11 H N N 149 
LEU HD12 H N N 150 
LEU HD13 H N N 151 
LEU HD21 H N N 152 
LEU HD22 H N N 153 
LEU HD23 H N N 154 
LEU HXT  H N N 155 
NH2 N    N N N 156 
NH2 HN1  H N N 157 
NH2 HN2  H N N 158 
PHE N    N N N 159 
PHE CA   C N S 160 
PHE C    C N N 161 
PHE O    O N N 162 
PHE CB   C N N 163 
PHE CG   C Y N 164 
PHE CD1  C Y N 165 
PHE CD2  C Y N 166 
PHE CE1  C Y N 167 
PHE CE2  C Y N 168 
PHE CZ   C Y N 169 
PHE OXT  O N N 170 
PHE H    H N N 171 
PHE H2   H N N 172 
PHE HA   H N N 173 
PHE HB2  H N N 174 
PHE HB3  H N N 175 
PHE HD1  H N N 176 
PHE HD2  H N N 177 
PHE HE1  H N N 178 
PHE HE2  H N N 179 
PHE HZ   H N N 180 
PHE HXT  H N N 181 
PRO N    N N N 182 
PRO CA   C N S 183 
PRO C    C N N 184 
PRO O    O N N 185 
PRO CB   C N N 186 
PRO CG   C N N 187 
PRO CD   C N N 188 
PRO OXT  O N N 189 
PRO H    H N N 190 
PRO HA   H N N 191 
PRO HB2  H N N 192 
PRO HB3  H N N 193 
PRO HG2  H N N 194 
PRO HG3  H N N 195 
PRO HD2  H N N 196 
PRO HD3  H N N 197 
PRO HXT  H N N 198 
SER N    N N N 199 
SER CA   C N S 200 
SER C    C N N 201 
SER O    O N N 202 
SER CB   C N N 203 
SER OG   O N N 204 
SER OXT  O N N 205 
SER H    H N N 206 
SER H2   H N N 207 
SER HA   H N N 208 
SER HB2  H N N 209 
SER HB3  H N N 210 
SER HG   H N N 211 
SER HXT  H N N 212 
THR N    N N N 213 
THR CA   C N S 214 
THR C    C N N 215 
THR O    O N N 216 
THR CB   C N R 217 
THR OG1  O N N 218 
THR CG2  C N N 219 
THR OXT  O N N 220 
THR H    H N N 221 
THR H2   H N N 222 
THR HA   H N N 223 
THR HB   H N N 224 
THR HG1  H N N 225 
THR HG21 H N N 226 
THR HG22 H N N 227 
THR HG23 H N N 228 
THR HXT  H N N 229 
TRP N    N N N 230 
TRP CA   C N S 231 
TRP C    C N N 232 
TRP O    O N N 233 
TRP CB   C N N 234 
TRP CG   C Y N 235 
TRP CD1  C Y N 236 
TRP CD2  C Y N 237 
TRP NE1  N Y N 238 
TRP CE2  C Y N 239 
TRP CE3  C Y N 240 
TRP CZ2  C Y N 241 
TRP CZ3  C Y N 242 
TRP CH2  C Y N 243 
TRP OXT  O N N 244 
TRP H    H N N 245 
TRP H2   H N N 246 
TRP HA   H N N 247 
TRP HB2  H N N 248 
TRP HB3  H N N 249 
TRP HD1  H N N 250 
TRP HE1  H N N 251 
TRP HE3  H N N 252 
TRP HZ2  H N N 253 
TRP HZ3  H N N 254 
TRP HH2  H N N 255 
TRP HXT  H N N 256 
# 
loop_
_chem_comp_bond.comp_id 
_chem_comp_bond.atom_id_1 
_chem_comp_bond.atom_id_2 
_chem_comp_bond.value_order 
_chem_comp_bond.pdbx_aromatic_flag 
_chem_comp_bond.pdbx_stereo_config 
_chem_comp_bond.pdbx_ordinal 
ACE C   O    doub N N 1   
ACE C   CH3  sing N N 2   
ACE C   H    sing N N 3   
ACE CH3 H1   sing N N 4   
ACE CH3 H2   sing N N 5   
ACE CH3 H3   sing N N 6   
ALA N   CA   sing N N 7   
ALA N   H    sing N N 8   
ALA N   H2   sing N N 9   
ALA CA  C    sing N N 10  
ALA CA  CB   sing N N 11  
ALA CA  HA   sing N N 12  
ALA C   O    doub N N 13  
ALA C   OXT  sing N N 14  
ALA CB  HB1  sing N N 15  
ALA CB  HB2  sing N N 16  
ALA CB  HB3  sing N N 17  
ALA OXT HXT  sing N N 18  
ARG N   CA   sing N N 19  
ARG N   H    sing N N 20  
ARG N   H2   sing N N 21  
ARG CA  C    sing N N 22  
ARG CA  CB   sing N N 23  
ARG CA  HA   sing N N 24  
ARG C   O    doub N N 25  
ARG C   OXT  sing N N 26  
ARG CB  CG   sing N N 27  
ARG CB  HB2  sing N N 28  
ARG CB  HB3  sing N N 29  
ARG CG  CD   sing N N 30  
ARG CG  HG2  sing N N 31  
ARG CG  HG3  sing N N 32  
ARG CD  NE   sing N N 33  
ARG CD  HD2  sing N N 34  
ARG CD  HD3  sing N N 35  
ARG NE  CZ   sing N N 36  
ARG NE  HE   sing N N 37  
ARG CZ  NH1  sing N N 38  
ARG CZ  NH2  doub N N 39  
ARG NH1 HH11 sing N N 40  
ARG NH1 HH12 sing N N 41  
ARG NH2 HH21 sing N N 42  
ARG NH2 HH22 sing N N 43  
ARG OXT HXT  sing N N 44  
ASN N   CA   sing N N 45  
ASN N   H    sing N N 46  
ASN N   H2   sing N N 47  
ASN CA  C    sing N N 48  
ASN CA  CB   sing N N 49  
ASN CA  HA   sing N N 50  
ASN C   O    doub N N 51  
ASN C   OXT  sing N N 52  
ASN CB  CG   sing N N 53  
ASN CB  HB2  sing N N 54  
ASN CB  HB3  sing N N 55  
ASN CG  OD1  doub N N 56  
ASN CG  ND2  sing N N 57  
ASN ND2 HD21 sing N N 58  
ASN ND2 HD22 sing N N 59  
ASN OXT HXT  sing N N 60  
ASP N   CA   sing N N 61  
ASP N   H    sing N N 62  
ASP N   H2   sing N N 63  
ASP CA  C    sing N N 64  
ASP CA  CB   sing N N 65  
ASP CA  HA   sing N N 66  
ASP C   O    doub N N 67  
ASP C   OXT  sing N N 68  
ASP CB  CG   sing N N 69  
ASP CB  HB2  sing N N 70  
ASP CB  HB3  sing N N 71  
ASP CG  OD1  doub N N 72  
ASP CG  OD2  sing N N 73  
ASP OD2 HD2  sing N N 74  
ASP OXT HXT  sing N N 75  
GLY N   CA   sing N N 76  
GLY N   H    sing N N 77  
GLY N   H2   sing N N 78  
GLY CA  C    sing N N 79  
GLY CA  HA2  sing N N 80  
GLY CA  HA3  sing N N 81  
GLY C   O    doub N N 82  
GLY C   OXT  sing N N 83  
GLY OXT HXT  sing N N 84  
HIS N   CA   sing N N 85  
HIS N   H    sing N N 86  
HIS N   H2   sing N N 87  
HIS CA  C    sing N N 88  
HIS CA  CB   sing N N 89  
HIS CA  HA   sing N N 90  
HIS C   O    doub N N 91  
HIS C   OXT  sing N N 92  
HIS CB  CG   sing N N 93  
HIS CB  HB2  sing N N 94  
HIS CB  HB3  sing N N 95  
HIS CG  ND1  sing Y N 96  
HIS CG  CD2  doub Y N 97  
HIS ND1 CE1  doub Y N 98  
HIS ND1 HD1  sing N N 99  
HIS CD2 NE2  sing Y N 100 
HIS CD2 HD2  sing N N 101 
HIS CE1 NE2  sing Y N 102 
HIS CE1 HE1  sing N N 103 
HIS NE2 HE2  sing N N 104 
HIS OXT HXT  sing N N 105 
ILE N   CA   sing N N 106 
ILE N   H    sing N N 107 
ILE N   H2   sing N N 108 
ILE CA  C    sing N N 109 
ILE CA  CB   sing N N 110 
ILE CA  HA   sing N N 111 
ILE C   O    doub N N 112 
ILE C   OXT  sing N N 113 
ILE CB  CG1  sing N N 114 
ILE CB  CG2  sing N N 115 
ILE CB  HB   sing N N 116 
ILE CG1 CD1  sing N N 117 
ILE CG1 HG12 sing N N 118 
ILE CG1 HG13 sing N N 119 
ILE CG2 HG21 sing N N 120 
ILE CG2 HG22 sing N N 121 
ILE CG2 HG23 sing N N 122 
ILE CD1 HD11 sing N N 123 
ILE CD1 HD12 sing N N 124 
ILE CD1 HD13 sing N N 125 
ILE OXT HXT  sing N N 126 
LEU N   CA   sing N N 127 
LEU N   H    sing N N 128 
LEU N   H2   sing N N 129 
LEU CA  C    sing N N 130 
LEU CA  CB   sing N N 131 
LEU CA  HA   sing N N 132 
LEU C   O    doub N N 133 
LEU C   OXT  sing N N 134 
LEU CB  CG   sing N N 135 
LEU CB  HB2  sing N N 136 
LEU CB  HB3  sing N N 137 
LEU CG  CD1  sing N N 138 
LEU CG  CD2  sing N N 139 
LEU CG  HG   sing N N 140 
LEU CD1 HD11 sing N N 141 
LEU CD1 HD12 sing N N 142 
LEU CD1 HD13 sing N N 143 
LEU CD2 HD21 sing N N 144 
LEU CD2 HD22 sing N N 145 
LEU CD2 HD23 sing N N 146 
LEU OXT HXT  sing N N 147 
NH2 N   HN1  sing N N 148 
NH2 N   HN2  sing N N 149 
PHE N   CA   sing N N 150 
PHE N   H    sing N N 151 
PHE N   H2   sing N N 152 
PHE CA  C    sing N N 153 
PHE CA  CB   sing N N 154 
PHE CA  HA   sing N N 155 
PHE C   O    doub N N 156 
PHE C   OXT  sing N N 157 
PHE CB  CG   sing N N 158 
PHE CB  HB2  sing N N 159 
PHE CB  HB3  sing N N 160 
PHE CG  CD1  doub Y N 161 
PHE CG  CD2  sing Y N 162 
PHE CD1 CE1  sing Y N 163 
PHE CD1 HD1  sing N N 164 
PHE CD2 CE2  doub Y N 165 
PHE CD2 HD2  sing N N 166 
PHE CE1 CZ   doub Y N 167 
PHE CE1 HE1  sing N N 168 
PHE CE2 CZ   sing Y N 169 
PHE CE2 HE2  sing N N 170 
PHE CZ  HZ   sing N N 171 
PHE OXT HXT  sing N N 172 
PRO N   CA   sing N N 173 
PRO N   CD   sing N N 174 
PRO N   H    sing N N 175 
PRO CA  C    sing N N 176 
PRO CA  CB   sing N N 177 
PRO CA  HA   sing N N 178 
PRO C   O    doub N N 179 
PRO C   OXT  sing N N 180 
PRO CB  CG   sing N N 181 
PRO CB  HB2  sing N N 182 
PRO CB  HB3  sing N N 183 
PRO CG  CD   sing N N 184 
PRO CG  HG2  sing N N 185 
PRO CG  HG3  sing N N 186 
PRO CD  HD2  sing N N 187 
PRO CD  HD3  sing N N 188 
PRO OXT HXT  sing N N 189 
SER N   CA   sing N N 190 
SER N   H    sing N N 191 
SER N   H2   sing N N 192 
SER CA  C    sing N N 193 
SER CA  CB   sing N N 194 
SER CA  HA   sing N N 195 
SER C   O    doub N N 196 
SER C   OXT  sing N N 197 
SER CB  OG   sing N N 198 
SER CB  HB2  sing N N 199 
SER CB  HB3  sing N N 200 
SER OG  HG   sing N N 201 
SER OXT HXT  sing N N 202 
THR N   CA   sing N N 203 
THR N   H    sing N N 204 
THR N   H2   sing N N 205 
THR CA  C    sing N N 206 
THR CA  CB   sing N N 207 
THR CA  HA   sing N N 208 
THR C   O    doub N N 209 
THR C   OXT  sing N N 210 
THR CB  OG1  sing N N 211 
THR CB  CG2  sing N N 212 
THR CB  HB   sing N N 213 
THR OG1 HG1  sing N N 214 
THR CG2 HG21 sing N N 215 
THR CG2 HG22 sing N N 216 
THR CG2 HG23 sing N N 217 
THR OXT HXT  sing N N 218 
TRP N   CA   sing N N 219 
TRP N   H    sing N N 220 
TRP N   H2   sing N N 221 
TRP CA  C    sing N N 222 
TRP CA  CB   sing N N 223 
TRP CA  HA   sing N N 224 
TRP C   O    doub N N 225 
TRP C   OXT  sing N N 226 
TRP CB  CG   sing N N 227 
TRP CB  HB2  sing N N 228 
TRP CB  HB3  sing N N 229 
TRP CG  CD1  doub Y N 230 
TRP CG  CD2  sing Y N 231 
TRP CD1 NE1  sing Y N 232 
TRP CD1 HD1  sing N N 233 
TRP CD2 CE2  doub Y N 234 
TRP CD2 CE3  sing Y N 235 
TRP NE1 CE2  sing Y N 236 
TRP NE1 HE1  sing N N 237 
TRP CE2 CZ2  sing Y N 238 
TRP CE3 CZ3  doub Y N 239 
TRP CE3 HE3  sing N N 240 
TRP CZ2 CH2  doub Y N 241 
TRP CZ2 HZ2  sing N N 242 
TRP CZ3 CH2  sing Y N 243 
TRP CZ3 HZ3  sing N N 244 
TRP CH2 HH2  sing N N 245 
TRP OXT HXT  sing N N 246 
# 
_atom_sites.entry_id                    1L4T 
_atom_sites.fract_transf_matrix[1][1]   1.000000 
_atom_sites.fract_transf_matrix[1][2]   0.000000 
_atom_sites.fract_transf_matrix[1][3]   0.000000 
_atom_sites.fract_transf_matrix[2][1]   0.000000 
_atom_sites.fract_transf_matrix[2][2]   1.000000 
_atom_sites.fract_transf_matrix[2][3]   0.000000 
_atom_sites.fract_transf_matrix[3][1]   0.000000 
_atom_sites.fract_transf_matrix[3][2]   0.000000 
_atom_sites.fract_transf_matrix[3][3]   1.000000 
_atom_sites.fract_transf_vector[1]      0.00000 
_atom_sites.fract_transf_vector[2]      0.00000 
_atom_sites.fract_transf_vector[3]      0.00000 
# 
loop_
_atom_type.symbol 
C 
H 
N 
O 
# 
loop_
_atom_site.group_PDB 
_atom_site.id 
_atom_site.type_symbol 
_atom_site.label_atom_id 
_atom_site.label_alt_id 
_atom_site.label_comp_id 
_atom_site.label_asym_id 
_atom_site.label_entity_id 
_atom_site.label_seq_id 
_atom_site.pdbx_PDB_ins_code 
_atom_site.Cartn_x 
_atom_site.Cartn_y 
_atom_site.Cartn_z 
_atom_site.occupancy 
_atom_site.B_iso_or_equiv 
_atom_site.pdbx_formal_charge 
_atom_site.auth_seq_id 
_atom_site.auth_comp_id 
_atom_site.auth_asym_id 
_atom_site.auth_atom_id 
_atom_site.pdbx_PDB_model_num 
HETATM 1   C C    . ACE A 1 1  ? 4.010  -6.833  3.887   1.00 0.00 ? 1  ACE A C    1 
HETATM 2   O O    . ACE A 1 1  ? 3.030  -7.385  3.382   1.00 0.00 ? 1  ACE A O    1 
HETATM 3   C CH3  . ACE A 1 1  ? 4.740  -7.482  5.062   1.00 0.00 ? 1  ACE A CH3  1 
HETATM 4   H H1   . ACE A 1 1  ? 4.807  -6.799  5.929   1.00 0.00 ? 1  ACE A H1   1 
HETATM 5   H H2   . ACE A 1 1  ? 4.214  -8.393  5.405   1.00 0.00 ? 1  ACE A H2   1 
HETATM 6   H H3   . ACE A 1 1  ? 5.768  -7.781  4.782   1.00 0.00 ? 1  ACE A H3   1 
ATOM   7   N N    . ALA A 1 2  ? 4.515  -5.662  3.466   1.00 0.00 ? 2  ALA A N    1 
ATOM   8   C CA   . ALA A 1 2  ? 3.886  -4.826  2.402   1.00 0.00 ? 2  ALA A CA   1 
ATOM   9   C C    . ALA A 1 2  ? 3.664  -5.506  1.014   1.00 0.00 ? 2  ALA A C    1 
ATOM   10  O O    . ALA A 1 2  ? 2.538  -5.495  0.510   1.00 0.00 ? 2  ALA A O    1 
ATOM   11  C CB   . ALA A 1 2  ? 4.704  -3.526  2.265   1.00 0.00 ? 2  ALA A CB   1 
ATOM   12  H H    . ALA A 1 2  ? 5.340  -5.340  3.983   1.00 0.00 ? 2  ALA A H    1 
ATOM   13  H HA   . ALA A 1 2  ? 2.890  -4.526  2.779   1.00 0.00 ? 2  ALA A HA   1 
ATOM   14  H HB1  . ALA A 1 2  ? 4.777  -2.979  3.223   1.00 0.00 ? 2  ALA A HB1  1 
ATOM   15  H HB2  . ALA A 1 2  ? 5.738  -3.715  1.918   1.00 0.00 ? 2  ALA A HB2  1 
ATOM   16  H HB3  . ALA A 1 2  ? 4.243  -2.831  1.540   1.00 0.00 ? 2  ALA A HB3  1 
ATOM   17  N N    . ASN A 1 3  ? 4.715  -6.114  0.432   1.00 0.00 ? 3  ASN A N    1 
ATOM   18  C CA   . ASN A 1 3  ? 4.616  -6.909  -0.830  1.00 0.00 ? 3  ASN A CA   1 
ATOM   19  C C    . ASN A 1 3  ? 3.856  -8.273  -0.715  1.00 0.00 ? 3  ASN A C    1 
ATOM   20  O O    . ASN A 1 3  ? 3.238  -8.686  -1.700  1.00 0.00 ? 3  ASN A O    1 
ATOM   21  C CB   . ASN A 1 3  ? 6.036  -7.139  -1.426  1.00 0.00 ? 3  ASN A CB   1 
ATOM   22  C CG   . ASN A 1 3  ? 6.772  -5.875  -1.930  1.00 0.00 ? 3  ASN A CG   1 
ATOM   23  O OD1  . ASN A 1 3  ? 7.197  -5.025  -1.148  1.00 0.00 ? 3  ASN A OD1  1 
ATOM   24  N ND2  . ASN A 1 3  ? 6.950  -5.727  -3.234  1.00 0.00 ? 3  ASN A ND2  1 
ATOM   25  H H    . ASN A 1 3  ? 5.593  -6.053  0.961   1.00 0.00 ? 3  ASN A H    1 
ATOM   26  H HA   . ASN A 1 3  ? 4.053  -6.303  -1.567  1.00 0.00 ? 3  ASN A HA   1 
ATOM   27  H HB2  . ASN A 1 3  ? 6.681  -7.637  -0.676  1.00 0.00 ? 3  ASN A HB2  1 
ATOM   28  H HB3  . ASN A 1 3  ? 5.973  -7.876  -2.252  1.00 0.00 ? 3  ASN A HB3  1 
ATOM   29  H HD21 . ASN A 1 3  ? 6.591  -6.477  -3.835  1.00 0.00 ? 3  ASN A HD21 1 
ATOM   30  H HD22 . ASN A 1 3  ? 7.452  -4.885  -3.536  1.00 0.00 ? 3  ASN A HD22 1 
ATOM   31  N N    . THR A 1 4  ? 3.900  -8.965  0.448   1.00 0.00 ? 4  THR A N    1 
ATOM   32  C CA   . THR A 1 4  ? 3.275  -10.306 0.650   1.00 0.00 ? 4  THR A CA   1 
ATOM   33  C C    . THR A 1 4  ? 1.714  -10.280 0.531   1.00 0.00 ? 4  THR A C    1 
ATOM   34  O O    . THR A 1 4  ? 1.175  -10.934 -0.366  1.00 0.00 ? 4  THR A O    1 
ATOM   35  C CB   . THR A 1 4  ? 3.806  -10.929 1.982   1.00 0.00 ? 4  THR A CB   1 
ATOM   36  O OG1  . THR A 1 4  ? 5.233  -10.944 1.996   1.00 0.00 ? 4  THR A OG1  1 
ATOM   37  C CG2  . THR A 1 4  ? 3.351  -12.378 2.238   1.00 0.00 ? 4  THR A CG2  1 
ATOM   38  H H    . THR A 1 4  ? 4.447  -8.514  1.189   1.00 0.00 ? 4  THR A H    1 
ATOM   39  H HA   . THR A 1 4  ? 3.649  -10.957 -0.166  1.00 0.00 ? 4  THR A HA   1 
ATOM   40  H HB   . THR A 1 4  ? 3.467  -10.310 2.834   1.00 0.00 ? 4  THR A HB   1 
ATOM   41  H HG1  . THR A 1 4  ? 5.500  -11.508 1.266   1.00 0.00 ? 4  THR A HG1  1 
ATOM   42  H HG21 . THR A 1 4  ? 3.772  -12.769 3.181   1.00 0.00 ? 4  THR A HG21 1 
ATOM   43  H HG22 . THR A 1 4  ? 2.251  -12.455 2.322   1.00 0.00 ? 4  THR A HG22 1 
ATOM   44  H HG23 . THR A 1 4  ? 3.670  -13.058 1.427   1.00 0.00 ? 4  THR A HG23 1 
ATOM   45  N N    . TRP A 1 5  ? 1.007  -9.522  1.399   1.00 0.00 ? 5  TRP A N    1 
ATOM   46  C CA   . TRP A 1 5  ? -0.477 -9.358  1.318   1.00 0.00 ? 5  TRP A CA   1 
ATOM   47  C C    . TRP A 1 5  ? -1.051 -8.635  0.056   1.00 0.00 ? 5  TRP A C    1 
ATOM   48  O O    . TRP A 1 5  ? -2.148 -8.995  -0.387  1.00 0.00 ? 5  TRP A O    1 
ATOM   49  C CB   . TRP A 1 5  ? -1.061 -8.787  2.646   1.00 0.00 ? 5  TRP A CB   1 
ATOM   50  C CG   . TRP A 1 5  ? -0.524 -7.449  3.200   1.00 0.00 ? 5  TRP A CG   1 
ATOM   51  C CD1  . TRP A 1 5  ? -0.585 -6.181  2.576   1.00 0.00 ? 5  TRP A CD1  1 
ATOM   52  C CD2  . TRP A 1 5  ? 0.066  -7.217  4.433   1.00 0.00 ? 5  TRP A CD2  1 
ATOM   53  N NE1  . TRP A 1 5  ? -0.020 -5.172  3.374   1.00 0.00 ? 5  TRP A NE1  1 
ATOM   54  C CE2  . TRP A 1 5  ? 0.370  -5.834  4.525   1.00 0.00 ? 5  TRP A CE2  1 
ATOM   55  C CE3  . TRP A 1 5  ? 0.377  -8.091  5.510   1.00 0.00 ? 5  TRP A CE3  1 
ATOM   56  C CZ2  . TRP A 1 5  ? 0.984  -5.316  5.691   1.00 0.00 ? 5  TRP A CZ2  1 
ATOM   57  C CZ3  . TRP A 1 5  ? 0.979  -7.556  6.650   1.00 0.00 ? 5  TRP A CZ3  1 
ATOM   58  C CH2  . TRP A 1 5  ? 1.277  -6.190  6.739   1.00 0.00 ? 5  TRP A CH2  1 
ATOM   59  H H    . TRP A 1 5  ? 1.571  -9.024  2.096   1.00 0.00 ? 5  TRP A H    1 
ATOM   60  H HA   . TRP A 1 5  ? -0.890 -10.385 1.262   1.00 0.00 ? 5  TRP A HA   1 
ATOM   61  H HB2  . TRP A 1 5  ? -2.160 -8.700  2.549   1.00 0.00 ? 5  TRP A HB2  1 
ATOM   62  H HB3  . TRP A 1 5  ? -0.940 -9.566  3.421   1.00 0.00 ? 5  TRP A HB3  1 
ATOM   63  H HD1  . TRP A 1 5  ? -1.024 -5.992  1.608   1.00 0.00 ? 5  TRP A HD1  1 
ATOM   64  H HE1  . TRP A 1 5  ? 0.063  -4.171  3.164   1.00 0.00 ? 5  TRP A HE1  1 
ATOM   65  H HE3  . TRP A 1 5  ? 0.153  -9.146  5.459   1.00 0.00 ? 5  TRP A HE3  1 
ATOM   66  H HZ2  . TRP A 1 5  ? 1.219  -4.264  5.774   1.00 0.00 ? 5  TRP A HZ2  1 
ATOM   67  H HZ3  . TRP A 1 5  ? 1.213  -8.207  7.478   1.00 0.00 ? 5  TRP A HZ3  1 
ATOM   68  H HH2  . TRP A 1 5  ? 1.740  -5.807  7.636   1.00 0.00 ? 5  TRP A HH2  1 
ATOM   69  N N    . ARG A 1 6  ? -0.335 -7.649  -0.523  1.00 0.00 ? 6  ARG A N    1 
ATOM   70  C CA   . ARG A 1 6  ? -0.777 -6.914  -1.741  1.00 0.00 ? 6  ARG A CA   1 
ATOM   71  C C    . ARG A 1 6  ? -0.817 -7.790  -3.036  1.00 0.00 ? 6  ARG A C    1 
ATOM   72  O O    . ARG A 1 6  ? -1.836 -7.780  -3.732  1.00 0.00 ? 6  ARG A O    1 
ATOM   73  C CB   . ARG A 1 6  ? 0.113  -5.651  -1.892  1.00 0.00 ? 6  ARG A CB   1 
ATOM   74  C CG   . ARG A 1 6  ? -0.407 -4.600  -2.903  1.00 0.00 ? 6  ARG A CG   1 
ATOM   75  C CD   . ARG A 1 6  ? 0.585  -3.460  -3.206  1.00 0.00 ? 6  ARG A CD   1 
ATOM   76  N NE   . ARG A 1 6  ? 1.717  -3.919  -4.056  1.00 0.00 ? 6  ARG A NE   1 
ATOM   77  C CZ   . ARG A 1 6  ? 3.006  -3.994  -3.668  1.00 0.00 ? 6  ARG A CZ   1 
ATOM   78  N NH1  . ARG A 1 6  ? 3.456  -3.595  -2.480  1.00 0.00 ? 6  ARG A NH1  1 
ATOM   79  N NH2  . ARG A 1 6  ? 3.876  -4.497  -4.524  1.00 0.00 ? 6  ARG A NH2  1 
ATOM   80  H H    . ARG A 1 6  ? 0.564  -7.448  -0.068  1.00 0.00 ? 6  ARG A H    1 
ATOM   81  H HA   . ARG A 1 6  ? -1.809 -6.557  -1.548  1.00 0.00 ? 6  ARG A HA   1 
ATOM   82  H HB2  . ARG A 1 6  ? 0.221  -5.140  -0.915  1.00 0.00 ? 6  ARG A HB2  1 
ATOM   83  H HB3  . ARG A 1 6  ? 1.141  -5.963  -2.164  1.00 0.00 ? 6  ARG A HB3  1 
ATOM   84  H HG2  . ARG A 1 6  ? -0.702 -5.086  -3.851  1.00 0.00 ? 6  ARG A HG2  1 
ATOM   85  H HG3  . ARG A 1 6  ? -1.343 -4.162  -2.507  1.00 0.00 ? 6  ARG A HG3  1 
ATOM   86  H HD2  . ARG A 1 6  ? 0.052  -2.667  -3.761  1.00 0.00 ? 6  ARG A HD2  1 
ATOM   87  H HD3  . ARG A 1 6  ? 0.915  -2.975  -2.268  1.00 0.00 ? 6  ARG A HD3  1 
ATOM   88  H HE   . ARG A 1 6  ? 1.549  -4.274  -5.004  1.00 0.00 ? 6  ARG A HE   1 
ATOM   89  H HH11 . ARG A 1 6  ? 2.762  -3.207  -1.832  1.00 0.00 ? 6  ARG A HH11 1 
ATOM   90  H HH12 . ARG A 1 6  ? 4.462  -3.708  -2.311  1.00 0.00 ? 6  ARG A HH12 1 
ATOM   91  H HH21 . ARG A 1 6  ? 3.504  -4.803  -5.430  1.00 0.00 ? 6  ARG A HH21 1 
ATOM   92  H HH22 . ARG A 1 6  ? 4.851  -4.551  -4.210  1.00 0.00 ? 6  ARG A HH22 1 
ATOM   93  N N    . ALA A 1 7  ? 0.261  -8.547  -3.336  1.00 0.00 ? 7  ALA A N    1 
ATOM   94  C CA   . ALA A 1 7  ? 0.323  -9.472  -4.500  1.00 0.00 ? 7  ALA A CA   1 
ATOM   95  C C    . ALA A 1 7  ? -0.769 -10.583 -4.599  1.00 0.00 ? 7  ALA A C    1 
ATOM   96  O O    . ALA A 1 7  ? -1.236 -10.856 -5.709  1.00 0.00 ? 7  ALA A O    1 
ATOM   97  C CB   . ALA A 1 7  ? 1.728  -10.104 -4.538  1.00 0.00 ? 7  ALA A CB   1 
ATOM   98  H H    . ALA A 1 7  ? 1.037  -8.471  -2.670  1.00 0.00 ? 7  ALA A H    1 
ATOM   99  H HA   . ALA A 1 7  ? 0.240  -8.850  -5.410  1.00 0.00 ? 7  ALA A HA   1 
ATOM   100 H HB1  . ALA A 1 7  ? 1.925  -10.740 -3.653  1.00 0.00 ? 7  ALA A HB1  1 
ATOM   101 H HB2  . ALA A 1 7  ? 1.866  -10.739 -5.432  1.00 0.00 ? 7  ALA A HB2  1 
ATOM   102 H HB3  . ALA A 1 7  ? 2.526  -9.337  -4.573  1.00 0.00 ? 7  ALA A HB3  1 
ATOM   103 N N    . PHE A 1 8  ? -1.171 -11.211 -3.470  1.00 0.00 ? 8  PHE A N    1 
ATOM   104 C CA   . PHE A 1 8  ? -2.160 -12.323 -3.461  1.00 0.00 ? 8  PHE A CA   1 
ATOM   105 C C    . PHE A 1 8  ? -3.613 -11.885 -3.833  1.00 0.00 ? 8  PHE A C    1 
ATOM   106 O O    . PHE A 1 8  ? -4.163 -12.431 -4.794  1.00 0.00 ? 8  PHE A O    1 
ATOM   107 C CB   . PHE A 1 8  ? -2.059 -13.076 -2.100  1.00 0.00 ? 8  PHE A CB   1 
ATOM   108 C CG   . PHE A 1 8  ? -2.651 -14.499 -2.106  1.00 0.00 ? 8  PHE A CG   1 
ATOM   109 C CD1  . PHE A 1 8  ? -1.874 -15.574 -2.558  1.00 0.00 ? 8  PHE A CD1  1 
ATOM   110 C CD2  . PHE A 1 8  ? -3.957 -14.735 -1.665  1.00 0.00 ? 8  PHE A CD2  1 
ATOM   111 C CE1  . PHE A 1 8  ? -2.400 -16.864 -2.568  1.00 0.00 ? 8  PHE A CE1  1 
ATOM   112 C CE2  . PHE A 1 8  ? -4.480 -16.027 -1.676  1.00 0.00 ? 8  PHE A CE2  1 
ATOM   113 C CZ   . PHE A 1 8  ? -3.699 -17.090 -2.127  1.00 0.00 ? 8  PHE A CZ   1 
ATOM   114 H H    . PHE A 1 8  ? -0.710 -10.890 -2.612  1.00 0.00 ? 8  PHE A H    1 
ATOM   115 H HA   . PHE A 1 8  ? -1.828 -13.040 -4.239  1.00 0.00 ? 8  PHE A HA   1 
ATOM   116 H HB2  . PHE A 1 8  ? -0.999 -13.155 -1.786  1.00 0.00 ? 8  PHE A HB2  1 
ATOM   117 H HB3  . PHE A 1 8  ? -2.521 -12.469 -1.297  1.00 0.00 ? 8  PHE A HB3  1 
ATOM   118 H HD1  . PHE A 1 8  ? -0.864 -15.413 -2.906  1.00 0.00 ? 8  PHE A HD1  1 
ATOM   119 H HD2  . PHE A 1 8  ? -4.575 -13.919 -1.315  1.00 0.00 ? 8  PHE A HD2  1 
ATOM   120 H HE1  . PHE A 1 8  ? -1.796 -17.688 -2.919  1.00 0.00 ? 8  PHE A HE1  1 
ATOM   121 H HE2  . PHE A 1 8  ? -5.489 -16.205 -1.335  1.00 0.00 ? 8  PHE A HE2  1 
ATOM   122 H HZ   . PHE A 1 8  ? -4.105 -18.091 -2.135  1.00 0.00 ? 8  PHE A HZ   1 
ATOM   123 N N    . ASP A 1 9  ? -4.213 -10.927 -3.094  1.00 0.00 ? 9  ASP A N    1 
ATOM   124 C CA   . ASP A 1 9  ? -5.566 -10.389 -3.397  1.00 0.00 ? 9  ASP A CA   1 
ATOM   125 C C    . ASP A 1 9  ? -5.442 -8.853  -3.606  1.00 0.00 ? 9  ASP A C    1 
ATOM   126 O O    . ASP A 1 9  ? -5.049 -8.111  -2.698  1.00 0.00 ? 9  ASP A O    1 
ATOM   127 C CB   . ASP A 1 9  ? -6.548 -10.773 -2.258  1.00 0.00 ? 9  ASP A CB   1 
ATOM   128 C CG   . ASP A 1 9  ? -8.020 -10.450 -2.558  1.00 0.00 ? 9  ASP A CG   1 
ATOM   129 O OD1  . ASP A 1 9  ? -8.682 -11.242 -3.266  1.00 0.00 ? 9  ASP A OD1  1 
ATOM   130 O OD2  . ASP A 1 9  ? -8.516 -9.398  -2.096  1.00 0.00 ? 9  ASP A OD2  1 
ATOM   131 H H    . ASP A 1 9  ? -3.642 -10.550 -2.330  1.00 0.00 ? 9  ASP A H    1 
ATOM   132 H HA   . ASP A 1 9  ? -5.959 -10.860 -4.322  1.00 0.00 ? 9  ASP A HA   1 
ATOM   133 H HB2  . ASP A 1 9  ? -6.482 -11.859 -2.056  1.00 0.00 ? 9  ASP A HB2  1 
ATOM   134 H HB3  . ASP A 1 9  ? -6.252 -10.288 -1.308  1.00 0.00 ? 9  ASP A HB3  1 
ATOM   135 N N    . GLY A 1 10 ? -5.798 -8.399  -4.820  1.00 0.00 ? 10 GLY A N    1 
ATOM   136 C CA   . GLY A 1 10 ? -5.784 -6.967  -5.188  1.00 0.00 ? 10 GLY A CA   1 
ATOM   137 C C    . GLY A 1 10 ? -4.376 -6.345  -5.397  1.00 0.00 ? 10 GLY A C    1 
ATOM   138 O O    . GLY A 1 10 ? -4.002 -5.530  -4.548  1.00 0.00 ? 10 GLY A O    1 
ATOM   139 H H    . GLY A 1 10 ? -6.118 -9.122  -5.475  1.00 0.00 ? 10 GLY A H    1 
ATOM   140 H HA2  . GLY A 1 10 ? -6.374 -6.839  -6.115  1.00 0.00 ? 10 GLY A HA2  1 
ATOM   141 H HA3  . GLY A 1 10 ? -6.342 -6.383  -4.430  1.00 0.00 ? 10 GLY A HA3  1 
ATOM   142 N N    . PRO A 1 11 ? -3.594 -6.643  -6.478  1.00 0.00 ? 11 PRO A N    1 
ATOM   143 C CA   . PRO A 1 11 ? -2.265 -6.019  -6.705  1.00 0.00 ? 11 PRO A CA   1 
ATOM   144 C C    . PRO A 1 11 ? -2.381 -4.604  -7.349  1.00 0.00 ? 11 PRO A C    1 
ATOM   145 O O    . PRO A 1 11 ? -2.509 -4.467  -8.571  1.00 0.00 ? 11 PRO A O    1 
ATOM   146 C CB   . PRO A 1 11 ? -1.569 -7.071  -7.595  1.00 0.00 ? 11 PRO A CB   1 
ATOM   147 C CG   . PRO A 1 11 ? -2.692 -7.754  -8.377  1.00 0.00 ? 11 PRO A CG   1 
ATOM   148 C CD   . PRO A 1 11 ? -3.876 -7.755  -7.410  1.00 0.00 ? 11 PRO A CD   1 
ATOM   149 H HA   . PRO A 1 11 ? -1.695 -5.961  -5.758  1.00 0.00 ? 11 PRO A HA   1 
ATOM   150 H HB2  . PRO A 1 11 ? -0.790 -6.645  -8.254  1.00 0.00 ? 11 PRO A HB2  1 
ATOM   151 H HB3  . PRO A 1 11 ? -1.059 -7.819  -6.959  1.00 0.00 ? 11 PRO A HB3  1 
ATOM   152 H HG2  . PRO A 1 11 ? -2.937 -7.169  -9.284  1.00 0.00 ? 11 PRO A HG2  1 
ATOM   153 H HG3  . PRO A 1 11 ? -2.416 -8.772  -8.710  1.00 0.00 ? 11 PRO A HG3  1 
ATOM   154 H HD2  . PRO A 1 11 ? -4.837 -7.625  -7.940  1.00 0.00 ? 11 PRO A HD2  1 
ATOM   155 H HD3  . PRO A 1 11 ? -3.917 -8.717  -6.863  1.00 0.00 ? 11 PRO A HD3  1 
ATOM   156 N N    . GLY A 1 12 ? -2.339 -3.566  -6.495  1.00 0.00 ? 12 GLY A N    1 
ATOM   157 C CA   . GLY A 1 12 ? -2.374 -2.155  -6.938  1.00 0.00 ? 12 GLY A CA   1 
ATOM   158 C C    . GLY A 1 12 ? -1.193 -1.374  -6.346  1.00 0.00 ? 12 GLY A C    1 
ATOM   159 O O    . GLY A 1 12 ? -1.353 -0.681  -5.337  1.00 0.00 ? 12 GLY A O    1 
ATOM   160 H H    . GLY A 1 12 ? -2.245 -3.824  -5.506  1.00 0.00 ? 12 GLY A H    1 
ATOM   161 H HA2  . GLY A 1 12 ? -2.394 -2.047  -8.041  1.00 0.00 ? 12 GLY A HA2  1 
ATOM   162 H HA3  . GLY A 1 12 ? -3.322 -1.703  -6.592  1.00 0.00 ? 12 GLY A HA3  1 
ATOM   163 N N    . ALA A 1 13 ? -0.015 -1.496  -6.987  1.00 0.00 ? 13 ALA A N    1 
ATOM   164 C CA   . ALA A 1 13 ? 1.242  -0.881  -6.489  1.00 0.00 ? 13 ALA A CA   1 
ATOM   165 C C    . ALA A 1 13 ? 1.351  0.636   -6.807  1.00 0.00 ? 13 ALA A C    1 
ATOM   166 O O    . ALA A 1 13 ? 1.395  1.431   -5.866  1.00 0.00 ? 13 ALA A O    1 
ATOM   167 C CB   . ALA A 1 13 ? 2.448  -1.696  -6.998  1.00 0.00 ? 13 ALA A CB   1 
ATOM   168 H H    . ALA A 1 13 ? -0.031 -2.114  -7.806  1.00 0.00 ? 13 ALA A H    1 
ATOM   169 H HA   . ALA A 1 13 ? 1.264  -0.988  -5.386  1.00 0.00 ? 13 ALA A HA   1 
ATOM   170 H HB1  . ALA A 1 13 ? 3.397  -1.317  -6.575  1.00 0.00 ? 13 ALA A HB1  1 
ATOM   171 H HB2  . ALA A 1 13 ? 2.377  -2.762  -6.708  1.00 0.00 ? 13 ALA A HB2  1 
ATOM   172 H HB3  . ALA A 1 13 ? 2.544  -1.665  -8.100  1.00 0.00 ? 13 ALA A HB3  1 
ATOM   173 N N    . HIS A 1 14 ? 1.370  1.041   -8.097  1.00 0.00 ? 14 HIS A N    1 
ATOM   174 C CA   . HIS A 1 14 ? 1.504  2.474   -8.497  1.00 0.00 ? 14 HIS A CA   1 
ATOM   175 C C    . HIS A 1 14 ? 0.311  3.411   -8.103  1.00 0.00 ? 14 HIS A C    1 
ATOM   176 O O    . HIS A 1 14 ? 0.554  4.538   -7.663  1.00 0.00 ? 14 HIS A O    1 
ATOM   177 C CB   . HIS A 1 14 ? 1.952  2.593   -9.986  1.00 0.00 ? 14 HIS A CB   1 
ATOM   178 C CG   . HIS A 1 14 ? 0.868  2.616   -11.076 1.00 0.00 ? 14 HIS A CG   1 
ATOM   179 N ND1  . HIS A 1 14 ? 0.497  3.762   -11.756 1.00 0.00 ? 14 HIS A ND1  1 
ATOM   180 C CD2  . HIS A 1 14 ? 0.026  1.550   -11.446 1.00 0.00 ? 14 HIS A CD2  1 
ATOM   181 C CE1  . HIS A 1 14 ? -0.562 3.280   -12.476 1.00 0.00 ? 14 HIS A CE1  1 
ATOM   182 N NE2  . HIS A 1 14 ? -0.930 1.962   -12.367 1.00 0.00 ? 14 HIS A NE2  1 
ATOM   183 H H    . HIS A 1 14 ? 1.312  0.286   -8.789  1.00 0.00 ? 14 HIS A H    1 
ATOM   184 H HA   . HIS A 1 14 ? 2.374  2.854   -7.923  1.00 0.00 ? 14 HIS A HA   1 
ATOM   185 H HB2  . HIS A 1 14 ? 2.548  3.521   -10.080 1.00 0.00 ? 14 HIS A HB2  1 
ATOM   186 H HB3  . HIS A 1 14 ? 2.685  1.800   -10.232 1.00 0.00 ? 14 HIS A HB3  1 
ATOM   187 H HD1  . HIS A 1 14 ? 0.867  4.717   -11.685 1.00 0.00 ? 14 HIS A HD1  1 
ATOM   188 H HD2  . HIS A 1 14 ? 0.069  0.555   -11.027 1.00 0.00 ? 14 HIS A HD2  1 
ATOM   189 H HE1  . HIS A 1 14 ? -1.121 3.947   -13.116 1.00 0.00 ? 14 HIS A HE1  1 
ATOM   190 N N    . ARG A 1 15 ? -0.952 2.945   -8.256  1.00 0.00 ? 15 ARG A N    1 
ATOM   191 C CA   . ARG A 1 15 ? -2.170 3.703   -7.847  1.00 0.00 ? 15 ARG A CA   1 
ATOM   192 C C    . ARG A 1 15 ? -2.254 4.072   -6.329  1.00 0.00 ? 15 ARG A C    1 
ATOM   193 O O    . ARG A 1 15 ? -2.565 5.221   -6.000  1.00 0.00 ? 15 ARG A O    1 
ATOM   194 C CB   . ARG A 1 15 ? -3.449 3.002   -8.393  1.00 0.00 ? 15 ARG A CB   1 
ATOM   195 C CG   . ARG A 1 15 ? -3.904 1.701   -7.684  1.00 0.00 ? 15 ARG A CG   1 
ATOM   196 C CD   . ARG A 1 15 ? -5.119 1.021   -8.341  1.00 0.00 ? 15 ARG A CD   1 
ATOM   197 N NE   . ARG A 1 15 ? -5.647 -0.048  -7.457  1.00 0.00 ? 15 ARG A NE   1 
ATOM   198 C CZ   . ARG A 1 15 ? -6.528 -0.992  -7.835  1.00 0.00 ? 15 ARG A CZ   1 
ATOM   199 N NH1  . ARG A 1 15 ? -6.985 -1.132  -9.078  1.00 0.00 ? 15 ARG A NH1  1 
ATOM   200 N NH2  . ARG A 1 15 ? -6.966 -1.832  -6.914  1.00 0.00 ? 15 ARG A NH2  1 
ATOM   201 H H    . ARG A 1 15 ? -1.013 1.992   -8.630  1.00 0.00 ? 15 ARG A H    1 
ATOM   202 H HA   . ARG A 1 15 ? -2.119 4.667   -8.392  1.00 0.00 ? 15 ARG A HA   1 
ATOM   203 H HB2  . ARG A 1 15 ? -4.285 3.727   -8.348  1.00 0.00 ? 15 ARG A HB2  1 
ATOM   204 H HB3  . ARG A 1 15 ? -3.321 2.800   -9.474  1.00 0.00 ? 15 ARG A HB3  1 
ATOM   205 H HG2  . ARG A 1 15 ? -3.062 0.985   -7.636  1.00 0.00 ? 15 ARG A HG2  1 
ATOM   206 H HG3  . ARG A 1 15 ? -4.151 1.945   -6.633  1.00 0.00 ? 15 ARG A HG3  1 
ATOM   207 H HD2  . ARG A 1 15 ? -5.919 1.761   -8.530  1.00 0.00 ? 15 ARG A HD2  1 
ATOM   208 H HD3  . ARG A 1 15 ? -4.827 0.613   -9.328  1.00 0.00 ? 15 ARG A HD3  1 
ATOM   209 H HE   . ARG A 1 15 ? -5.406 -0.075  -6.460  1.00 0.00 ? 15 ARG A HE   1 
ATOM   210 H HH11 . ARG A 1 15 ? -6.627 -0.470  -9.775  1.00 0.00 ? 15 ARG A HH11 1 
ATOM   211 H HH12 . ARG A 1 15 ? -7.654 -1.892  -9.238  1.00 0.00 ? 15 ARG A HH12 1 
ATOM   212 H HH21 . ARG A 1 15 ? -6.611 -1.696  -5.962  1.00 0.00 ? 15 ARG A HH21 1 
ATOM   213 H HH22 . ARG A 1 15 ? -7.644 -2.538  -7.222  1.00 0.00 ? 15 ARG A HH22 1 
ATOM   214 N N    . ALA A 1 16 ? -1.939 3.116   -5.428  1.00 0.00 ? 16 ALA A N    1 
ATOM   215 C CA   . ALA A 1 16 ? -1.802 3.375   -3.973  1.00 0.00 ? 16 ALA A CA   1 
ATOM   216 C C    . ALA A 1 16 ? -0.624 4.310   -3.578  1.00 0.00 ? 16 ALA A C    1 
ATOM   217 O O    . ALA A 1 16 ? -0.843 5.200   -2.755  1.00 0.00 ? 16 ALA A O    1 
ATOM   218 C CB   . ALA A 1 16 ? -1.711 2.024   -3.238  1.00 0.00 ? 16 ALA A CB   1 
ATOM   219 H H    . ALA A 1 16 ? -1.693 2.207   -5.837  1.00 0.00 ? 16 ALA A H    1 
ATOM   220 H HA   . ALA A 1 16 ? -2.740 3.855   -3.631  1.00 0.00 ? 16 ALA A HA   1 
ATOM   221 H HB1  . ALA A 1 16 ? -2.577 1.373   -3.460  1.00 0.00 ? 16 ALA A HB1  1 
ATOM   222 H HB2  . ALA A 1 16 ? -0.797 1.461   -3.509  1.00 0.00 ? 16 ALA A HB2  1 
ATOM   223 H HB3  . ALA A 1 16 ? -1.694 2.162   -2.142  1.00 0.00 ? 16 ALA A HB3  1 
ATOM   224 N N    . LEU A 1 17 ? 0.593  4.132   -4.147  1.00 0.00 ? 17 LEU A N    1 
ATOM   225 C CA   . LEU A 1 17 ? 1.789  4.971   -3.830  1.00 0.00 ? 17 LEU A CA   1 
ATOM   226 C C    . LEU A 1 17 ? 1.638  6.513   -4.016  1.00 0.00 ? 17 LEU A C    1 
ATOM   227 O O    . LEU A 1 17 ? 2.124  7.261   -3.160  1.00 0.00 ? 17 LEU A O    1 
ATOM   228 C CB   . LEU A 1 17 ? 3.049  4.431   -4.570  1.00 0.00 ? 17 LEU A CB   1 
ATOM   229 C CG   . LEU A 1 17 ? 3.644  3.092   -4.042  1.00 0.00 ? 17 LEU A CG   1 
ATOM   230 C CD1  . LEU A 1 17 ? 4.639  2.498   -5.058  1.00 0.00 ? 17 LEU A CD1  1 
ATOM   231 C CD2  . LEU A 1 17 ? 4.330  3.236   -2.666  1.00 0.00 ? 17 LEU A CD2  1 
ATOM   232 H H    . LEU A 1 17 ? 0.642  3.359   -4.820  1.00 0.00 ? 17 LEU A H    1 
ATOM   233 H HA   . LEU A 1 17 ? 1.977  4.835   -2.753  1.00 0.00 ? 17 LEU A HA   1 
ATOM   234 H HB2  . LEU A 1 17 ? 2.804  4.337   -5.647  1.00 0.00 ? 17 LEU A HB2  1 
ATOM   235 H HB3  . LEU A 1 17 ? 3.855  5.191   -4.544  1.00 0.00 ? 17 LEU A HB3  1 
ATOM   236 H HG   . LEU A 1 17 ? 2.824  2.361   -3.927  1.00 0.00 ? 17 LEU A HG   1 
ATOM   237 H HD11 . LEU A 1 17 ? 5.507  3.162   -5.230  1.00 0.00 ? 17 LEU A HD11 1 
ATOM   238 H HD12 . LEU A 1 17 ? 5.034  1.521   -4.720  1.00 0.00 ? 17 LEU A HD12 1 
ATOM   239 H HD13 . LEU A 1 17 ? 4.161  2.321   -6.040  1.00 0.00 ? 17 LEU A HD13 1 
ATOM   240 H HD21 . LEU A 1 17 ? 3.622  3.560   -1.883  1.00 0.00 ? 17 LEU A HD21 1 
ATOM   241 H HD22 . LEU A 1 17 ? 4.755  2.276   -2.318  1.00 0.00 ? 17 LEU A HD22 1 
ATOM   242 H HD23 . LEU A 1 17 ? 5.154  3.973   -2.686  1.00 0.00 ? 17 LEU A HD23 1 
ATOM   243 N N    . SER A 1 18 ? 0.946  6.985   -5.073  1.00 0.00 ? 18 SER A N    1 
ATOM   244 C CA   . SER A 1 18 ? 0.543  8.414   -5.205  1.00 0.00 ? 18 SER A CA   1 
ATOM   245 C C    . SER A 1 18 ? -0.496 8.904   -4.142  1.00 0.00 ? 18 SER A C    1 
ATOM   246 O O    . SER A 1 18 ? -0.289 9.977   -3.567  1.00 0.00 ? 18 SER A O    1 
ATOM   247 C CB   . SER A 1 18 ? 0.046  8.693   -6.641  1.00 0.00 ? 18 SER A CB   1 
ATOM   248 O OG   . SER A 1 18 ? 1.078  8.469   -7.598  1.00 0.00 ? 18 SER A OG   1 
ATOM   249 H H    . SER A 1 18 ? 0.587  6.264   -5.708  1.00 0.00 ? 18 SER A H    1 
ATOM   250 H HA   . SER A 1 18 ? 1.454  9.030   -5.068  1.00 0.00 ? 18 SER A HA   1 
ATOM   251 H HB2  . SER A 1 18 ? -0.831 8.066   -6.891  1.00 0.00 ? 18 SER A HB2  1 
ATOM   252 H HB3  . SER A 1 18 ? -0.291 9.742   -6.736  1.00 0.00 ? 18 SER A HB3  1 
ATOM   253 H HG   . SER A 1 18 ? 1.799  9.051   -7.350  1.00 0.00 ? 18 SER A HG   1 
ATOM   254 N N    . GLY A 1 19 ? -1.580 8.140   -3.873  1.00 0.00 ? 19 GLY A N    1 
ATOM   255 C CA   . GLY A 1 19 ? -2.594 8.505   -2.856  1.00 0.00 ? 19 GLY A CA   1 
ATOM   256 C C    . GLY A 1 19 ? -2.178 8.144   -1.413  1.00 0.00 ? 19 GLY A C    1 
ATOM   257 O O    . GLY A 1 19 ? -1.354 8.850   -0.824  1.00 0.00 ? 19 GLY A O    1 
ATOM   258 H H    . GLY A 1 19 ? -1.641 7.270   -4.412  1.00 0.00 ? 19 GLY A H    1 
ATOM   259 H HA2  . GLY A 1 19 ? -2.818 9.588   -2.908  1.00 0.00 ? 19 GLY A HA2  1 
ATOM   260 H HA3  . GLY A 1 19 ? -3.548 8.014   -3.130  1.00 0.00 ? 19 GLY A HA3  1 
ATOM   261 N N    . ALA A 1 20 ? -2.768 7.070   -0.854  1.00 0.00 ? 20 ALA A N    1 
ATOM   262 C CA   . ALA A 1 20 ? -2.528 6.656   0.556   1.00 0.00 ? 20 ALA A CA   1 
ATOM   263 C C    . ALA A 1 20 ? -2.107 5.150   0.612   1.00 0.00 ? 20 ALA A C    1 
ATOM   264 O O    . ALA A 1 20 ? -2.995 4.295   0.710   1.00 0.00 ? 20 ALA A O    1 
ATOM   265 C CB   . ALA A 1 20 ? -3.787 6.968   1.393   1.00 0.00 ? 20 ALA A CB   1 
ATOM   266 H H    . ALA A 1 20 ? -3.435 6.579   -1.457  1.00 0.00 ? 20 ALA A H    1 
ATOM   267 H HA   . ALA A 1 20 ? -1.723 7.260   1.016   1.00 0.00 ? 20 ALA A HA   1 
ATOM   268 H HB1  . ALA A 1 20 ? -3.654 6.664   2.447   1.00 0.00 ? 20 ALA A HB1  1 
ATOM   269 H HB2  . ALA A 1 20 ? -4.014 8.051   1.400   1.00 0.00 ? 20 ALA A HB2  1 
ATOM   270 H HB3  . ALA A 1 20 ? -4.686 6.446   1.014   1.00 0.00 ? 20 ALA A HB3  1 
ATOM   271 N N    . PRO A 1 21 ? -0.792 4.767   0.572   1.00 0.00 ? 21 PRO A N    1 
ATOM   272 C CA   . PRO A 1 21 ? -0.358 3.341   0.601   1.00 0.00 ? 21 PRO A CA   1 
ATOM   273 C C    . PRO A 1 21 ? -0.142 2.785   2.053   1.00 0.00 ? 21 PRO A C    1 
ATOM   274 O O    . PRO A 1 21 ? -0.716 3.278   3.029   1.00 0.00 ? 21 PRO A O    1 
ATOM   275 C CB   . PRO A 1 21 ? 0.921  3.448   -0.271  1.00 0.00 ? 21 PRO A CB   1 
ATOM   276 C CG   . PRO A 1 21 ? 1.533  4.792   0.118   1.00 0.00 ? 21 PRO A CG   1 
ATOM   277 C CD   . PRO A 1 21 ? 0.317  5.699   0.267   1.00 0.00 ? 21 PRO A CD   1 
ATOM   278 H HA   . PRO A 1 21 ? -1.087 2.687   0.084   1.00 0.00 ? 21 PRO A HA   1 
ATOM   279 H HB2  . PRO A 1 21 ? 1.634  2.614   -0.143  1.00 0.00 ? 21 PRO A HB2  1 
ATOM   280 H HB3  . PRO A 1 21 ? 0.656  3.433   -1.341  1.00 0.00 ? 21 PRO A HB3  1 
ATOM   281 H HG2  . PRO A 1 21 ? 2.051  4.694   1.088   1.00 0.00 ? 21 PRO A HG2  1 
ATOM   282 H HG3  . PRO A 1 21 ? 2.272  5.174   -0.607  1.00 0.00 ? 21 PRO A HG3  1 
ATOM   283 H HD2  . PRO A 1 21 ? 0.474  6.439   1.066   1.00 0.00 ? 21 PRO A HD2  1 
ATOM   284 H HD3  . PRO A 1 21 ? 0.130  6.255   -0.670  1.00 0.00 ? 21 PRO A HD3  1 
ATOM   285 N N    . ILE A 1 22 ? 0.736  1.770   2.172   1.00 0.00 ? 22 ILE A N    1 
ATOM   286 C CA   . ILE A 1 22 ? 1.344  1.315   3.456   1.00 0.00 ? 22 ILE A CA   1 
ATOM   287 C C    . ILE A 1 22 ? 2.122  2.468   4.199   1.00 0.00 ? 22 ILE A C    1 
ATOM   288 O O    . ILE A 1 22 ? 1.897  2.654   5.397   1.00 0.00 ? 22 ILE A O    1 
ATOM   289 C CB   . ILE A 1 22 ? 2.223  0.018   3.243   1.00 0.00 ? 22 ILE A CB   1 
ATOM   290 C CG1  . ILE A 1 22 ? 1.573  -1.145  2.416   1.00 0.00 ? 22 ILE A CG1  1 
ATOM   291 C CG2  . ILE A 1 22 ? 2.689  -0.574  4.598   1.00 0.00 ? 22 ILE A CG2  1 
ATOM   292 C CD1  . ILE A 1 22 ? 1.780  -1.074  0.891   1.00 0.00 ? 22 ILE A CD1  1 
ATOM   293 H H    . ILE A 1 22 ? 1.111  1.444   1.274   1.00 0.00 ? 22 ILE A H    1 
ATOM   294 H HA   . ILE A 1 22 ? 0.500  1.021   4.110   1.00 0.00 ? 22 ILE A HA   1 
ATOM   295 H HB   . ILE A 1 22 ? 3.149  0.320   2.715   1.00 0.00 ? 22 ILE A HB   1 
ATOM   296 H HG12 . ILE A 1 22 ? 1.984  -2.126  2.723   1.00 0.00 ? 22 ILE A HG12 1 
ATOM   297 H HG13 . ILE A 1 22 ? 0.493  -1.218  2.642   1.00 0.00 ? 22 ILE A HG13 1 
ATOM   298 H HG21 . ILE A 1 22 ? 3.358  -1.444  4.464   1.00 0.00 ? 22 ILE A HG21 1 
ATOM   299 H HG22 . ILE A 1 22 ? 3.264  0.159   5.193   1.00 0.00 ? 22 ILE A HG22 1 
ATOM   300 H HG23 . ILE A 1 22 ? 1.838  -0.907  5.222   1.00 0.00 ? 22 ILE A HG23 1 
ATOM   301 H HD11 . ILE A 1 22 ? 1.284  -0.201  0.432   1.00 0.00 ? 22 ILE A HD11 1 
ATOM   302 H HD12 . ILE A 1 22 ? 2.853  -1.020  0.627   1.00 0.00 ? 22 ILE A HD12 1 
ATOM   303 H HD13 . ILE A 1 22 ? 1.370  -1.972  0.393   1.00 0.00 ? 22 ILE A HD13 1 
ATOM   304 N N    . SER A 1 23 ? 3.003  3.229   3.505   1.00 0.00 ? 23 SER A N    1 
ATOM   305 C CA   . SER A 1 23 ? 3.789  4.349   4.105   1.00 0.00 ? 23 SER A CA   1 
ATOM   306 C C    . SER A 1 23 ? 2.998  5.529   4.757   1.00 0.00 ? 23 SER A C    1 
ATOM   307 O O    . SER A 1 23 ? 3.408  5.997   5.823   1.00 0.00 ? 23 SER A O    1 
ATOM   308 C CB   . SER A 1 23 ? 4.837  4.857   3.083   1.00 0.00 ? 23 SER A CB   1 
ATOM   309 O OG   . SER A 1 23 ? 4.242  5.528   1.977   1.00 0.00 ? 23 SER A OG   1 
ATOM   310 H H    . SER A 1 23 ? 3.093  2.981   2.513   1.00 0.00 ? 23 SER A H    1 
ATOM   311 H HA   . SER A 1 23 ? 4.383  3.893   4.921   1.00 0.00 ? 23 SER A HA   1 
ATOM   312 H HB2  . SER A 1 23 ? 5.547  5.546   3.577   1.00 0.00 ? 23 SER A HB2  1 
ATOM   313 H HB3  . SER A 1 23 ? 5.456  4.020   2.706   1.00 0.00 ? 23 SER A HB3  1 
ATOM   314 H HG   . SER A 1 23 ? 4.963  5.774   1.394   1.00 0.00 ? 23 SER A HG   1 
ATOM   315 N N    . PHE A 1 24 ? 1.874  5.986   4.159   1.00 0.00 ? 24 PHE A N    1 
ATOM   316 C CA   . PHE A 1 24 ? 0.949  6.978   4.794   1.00 0.00 ? 24 PHE A CA   1 
ATOM   317 C C    . PHE A 1 24 ? 0.293  6.523   6.143   1.00 0.00 ? 24 PHE A C    1 
ATOM   318 O O    . PHE A 1 24 ? 0.153  7.351   7.047   1.00 0.00 ? 24 PHE A O    1 
ATOM   319 C CB   . PHE A 1 24 ? -0.102 7.406   3.729   1.00 0.00 ? 24 PHE A CB   1 
ATOM   320 C CG   . PHE A 1 24 ? -1.043 8.562   4.115   1.00 0.00 ? 24 PHE A CG   1 
ATOM   321 C CD1  . PHE A 1 24 ? -0.647 9.892   3.925   1.00 0.00 ? 24 PHE A CD1  1 
ATOM   322 C CD2  . PHE A 1 24 ? -2.308 8.295   4.652   1.00 0.00 ? 24 PHE A CD2  1 
ATOM   323 C CE1  . PHE A 1 24 ? -1.501 10.935  4.269   1.00 0.00 ? 24 PHE A CE1  1 
ATOM   324 C CE2  . PHE A 1 24 ? -3.159 9.342   4.998   1.00 0.00 ? 24 PHE A CE2  1 
ATOM   325 C CZ   . PHE A 1 24 ? -2.756 10.661  4.807   1.00 0.00 ? 24 PHE A CZ   1 
ATOM   326 H H    . PHE A 1 24 ? 1.635  5.516   3.279   1.00 0.00 ? 24 PHE A H    1 
ATOM   327 H HA   . PHE A 1 24 ? 1.555  7.878   5.020   1.00 0.00 ? 24 PHE A HA   1 
ATOM   328 H HB2  . PHE A 1 24 ? 0.430  7.713   2.809   1.00 0.00 ? 24 PHE A HB2  1 
ATOM   329 H HB3  . PHE A 1 24 ? -0.699 6.525   3.417   1.00 0.00 ? 24 PHE A HB3  1 
ATOM   330 H HD1  . PHE A 1 24 ? 0.325  10.120  3.508   1.00 0.00 ? 24 PHE A HD1  1 
ATOM   331 H HD2  . PHE A 1 24 ? -2.633 7.277   4.808   1.00 0.00 ? 24 PHE A HD2  1 
ATOM   332 H HE1  . PHE A 1 24 ? -1.191 11.959  4.119   1.00 0.00 ? 24 PHE A HE1  1 
ATOM   333 H HE2  . PHE A 1 24 ? -4.133 9.130   5.417   1.00 0.00 ? 24 PHE A HE2  1 
ATOM   334 H HZ   . PHE A 1 24 ? -3.418 11.471  5.073   1.00 0.00 ? 24 PHE A HZ   1 
ATOM   335 N N    . ILE A 1 25 ? -0.086 5.234   6.280   1.00 0.00 ? 25 ILE A N    1 
ATOM   336 C CA   . ILE A 1 25 ? -0.600 4.636   7.554   1.00 0.00 ? 25 ILE A CA   1 
ATOM   337 C C    . ILE A 1 25 ? 0.427  4.745   8.742   1.00 0.00 ? 25 ILE A C    1 
ATOM   338 O O    . ILE A 1 25 ? 0.020  5.131   9.841   1.00 0.00 ? 25 ILE A O    1 
ATOM   339 C CB   . ILE A 1 25 ? -1.132 3.174   7.287   1.00 0.00 ? 25 ILE A CB   1 
ATOM   340 C CG1  . ILE A 1 25 ? -2.285 3.114   6.230   1.00 0.00 ? 25 ILE A CG1  1 
ATOM   341 C CG2  . ILE A 1 25 ? -1.600 2.450   8.580   1.00 0.00 ? 25 ILE A CG2  1 
ATOM   342 C CD1  . ILE A 1 25 ? -2.550 1.732   5.609   1.00 0.00 ? 25 ILE A CD1  1 
ATOM   343 H H    . ILE A 1 25 ? 0.082  4.655   5.450   1.00 0.00 ? 25 ILE A H    1 
ATOM   344 H HA   . ILE A 1 25 ? -1.481 5.239   7.852   1.00 0.00 ? 25 ILE A HA   1 
ATOM   345 H HB   . ILE A 1 25 ? -0.283 2.587   6.889   1.00 0.00 ? 25 ILE A HB   1 
ATOM   346 H HG12 . ILE A 1 25 ? -3.223 3.510   6.664   1.00 0.00 ? 25 ILE A HG12 1 
ATOM   347 H HG13 . ILE A 1 25 ? -2.068 3.791   5.385   1.00 0.00 ? 25 ILE A HG13 1 
ATOM   348 H HG21 . ILE A 1 25 ? -2.435 2.983   9.071   1.00 0.00 ? 25 ILE A HG21 1 
ATOM   349 H HG22 . ILE A 1 25 ? -1.936 1.416   8.386   1.00 0.00 ? 25 ILE A HG22 1 
ATOM   350 H HG23 . ILE A 1 25 ? -0.786 2.364   9.322   1.00 0.00 ? 25 ILE A HG23 1 
ATOM   351 H HD11 . ILE A 1 25 ? -1.642 1.319   5.133   1.00 0.00 ? 25 ILE A HD11 1 
ATOM   352 H HD12 . ILE A 1 25 ? -2.902 0.997   6.354   1.00 0.00 ? 25 ILE A HD12 1 
ATOM   353 H HD13 . ILE A 1 25 ? -3.326 1.794   4.824   1.00 0.00 ? 25 ILE A HD13 1 
ATOM   354 N N    . HIS A 1 26 ? 1.725  4.433   8.525   1.00 0.00 ? 26 HIS A N    1 
ATOM   355 C CA   . HIS A 1 26 ? 2.799  4.600   9.553   1.00 0.00 ? 26 HIS A CA   1 
ATOM   356 C C    . HIS A 1 26 ? 3.040  6.042   10.108  1.00 0.00 ? 26 HIS A C    1 
ATOM   357 O O    . HIS A 1 26 ? 3.405  6.160   11.282  1.00 0.00 ? 26 HIS A O    1 
ATOM   358 C CB   . HIS A 1 26 ? 4.141  4.009   9.029   1.00 0.00 ? 26 HIS A CB   1 
ATOM   359 C CG   . HIS A 1 26 ? 4.185  2.483   8.911   1.00 0.00 ? 26 HIS A CG   1 
ATOM   360 N ND1  . HIS A 1 26 ? 4.273  1.617   9.988   1.00 0.00 ? 26 HIS A ND1  1 
ATOM   361 C CD2  . HIS A 1 26 ? 4.159  1.749   7.713   1.00 0.00 ? 26 HIS A CD2  1 
ATOM   362 C CE1  . HIS A 1 26 ? 4.281  0.419   9.328   1.00 0.00 ? 26 HIS A CE1  1 
ATOM   363 N NE2  . HIS A 1 26 ? 4.216  0.383   7.956   1.00 0.00 ? 26 HIS A NE2  1 
ATOM   364 H H    . HIS A 1 26 ? 1.940  4.133   7.567   1.00 0.00 ? 26 HIS A H    1 
ATOM   365 H HA   . HIS A 1 26 ? 2.496  3.992   10.429  1.00 0.00 ? 26 HIS A HA   1 
ATOM   366 H HB2  . HIS A 1 26 ? 4.409  4.477   8.061   1.00 0.00 ? 26 HIS A HB2  1 
ATOM   367 H HB3  . HIS A 1 26 ? 4.968  4.302   9.705   1.00 0.00 ? 26 HIS A HB3  1 
ATOM   368 H HD1  . HIS A 1 26 ? 4.327  1.819   10.993  1.00 0.00 ? 26 HIS A HD1  1 
ATOM   369 H HD2  . HIS A 1 26 ? 4.111  2.184   6.725   1.00 0.00 ? 26 HIS A HD2  1 
ATOM   370 H HE1  . HIS A 1 26 ? 4.344  -0.503  9.888   1.00 0.00 ? 26 HIS A HE1  1 
ATOM   371 N N    . LEU A 1 27 ? 2.826  7.117   9.316   1.00 0.00 ? 27 LEU A N    1 
ATOM   372 C CA   . LEU A 1 27 ? 2.896  8.528   9.807   1.00 0.00 ? 27 LEU A CA   1 
ATOM   373 C C    . LEU A 1 27 ? 1.907  8.897   10.962  1.00 0.00 ? 27 LEU A C    1 
ATOM   374 O O    . LEU A 1 27 ? 2.314  9.606   11.888  1.00 0.00 ? 27 LEU A O    1 
ATOM   375 C CB   . LEU A 1 27 ? 2.724  9.536   8.632   1.00 0.00 ? 27 LEU A CB   1 
ATOM   376 C CG   . LEU A 1 27 ? 3.766  9.504   7.477   1.00 0.00 ? 27 LEU A CG   1 
ATOM   377 C CD1  . LEU A 1 27 ? 3.341  10.461  6.346   1.00 0.00 ? 27 LEU A CD1  1 
ATOM   378 C CD2  . LEU A 1 27 ? 5.198  9.842   7.942   1.00 0.00 ? 27 LEU A CD2  1 
ATOM   379 H H    . LEU A 1 27 ? 2.519  6.893   8.362   1.00 0.00 ? 27 LEU A H    1 
ATOM   380 H HA   . LEU A 1 27 ? 3.914  8.674   10.217  1.00 0.00 ? 27 LEU A HA   1 
ATOM   381 H HB2  . LEU A 1 27 ? 1.711  9.398   8.203   1.00 0.00 ? 27 LEU A HB2  1 
ATOM   382 H HB3  . LEU A 1 27 ? 2.708  10.565  9.044   1.00 0.00 ? 27 LEU A HB3  1 
ATOM   383 H HG   . LEU A 1 27 ? 3.781  8.485   7.049   1.00 0.00 ? 27 LEU A HG   1 
ATOM   384 H HD11 . LEU A 1 27 ? 4.039  10.417  5.489   1.00 0.00 ? 27 LEU A HD11 1 
ATOM   385 H HD12 . LEU A 1 27 ? 2.339  10.207  5.952   1.00 0.00 ? 27 LEU A HD12 1 
ATOM   386 H HD13 . LEU A 1 27 ? 3.302  11.514  6.685   1.00 0.00 ? 27 LEU A HD13 1 
ATOM   387 H HD21 . LEU A 1 27 ? 5.257  10.839  8.419   1.00 0.00 ? 27 LEU A HD21 1 
ATOM   388 H HD22 . LEU A 1 27 ? 5.575  9.105   8.676   1.00 0.00 ? 27 LEU A HD22 1 
ATOM   389 H HD23 . LEU A 1 27 ? 5.915  9.836   7.100   1.00 0.00 ? 27 LEU A HD23 1 
ATOM   390 N N    . LEU A 1 28 ? 0.646  8.419   10.919  1.00 0.00 ? 28 LEU A N    1 
ATOM   391 C CA   . LEU A 1 28 ? -0.358 8.645   12.000  1.00 0.00 ? 28 LEU A CA   1 
ATOM   392 C C    . LEU A 1 28 ? -0.014 7.990   13.378  1.00 0.00 ? 28 LEU A C    1 
ATOM   393 O O    . LEU A 1 28 ? -0.182 8.653   14.406  1.00 0.00 ? 28 LEU A O    1 
ATOM   394 C CB   . LEU A 1 28 ? -1.777 8.204   11.528  1.00 0.00 ? 28 LEU A CB   1 
ATOM   395 C CG   . LEU A 1 28 ? -2.372 8.884   10.259  1.00 0.00 ? 28 LEU A CG   1 
ATOM   396 C CD1  . LEU A 1 28 ? -3.703 8.216   9.863   1.00 0.00 ? 28 LEU A CD1  1 
ATOM   397 C CD2  . LEU A 1 28 ? -2.570 10.405  10.417  1.00 0.00 ? 28 LEU A CD2  1 
ATOM   398 H H    . LEU A 1 28 ? 0.434  7.840   10.099  1.00 0.00 ? 28 LEU A H    1 
ATOM   399 H HA   . LEU A 1 28 ? -0.404 9.736   12.179  1.00 0.00 ? 28 LEU A HA   1 
ATOM   400 H HB2  . LEU A 1 28 ? -1.763 7.107   11.369  1.00 0.00 ? 28 LEU A HB2  1 
ATOM   401 H HB3  . LEU A 1 28 ? -2.489 8.352   12.363  1.00 0.00 ? 28 LEU A HB3  1 
ATOM   402 H HG   . LEU A 1 28 ? -1.672 8.722   9.418   1.00 0.00 ? 28 LEU A HG   1 
ATOM   403 H HD11 . LEU A 1 28 ? -4.112 8.645   8.929   1.00 0.00 ? 28 LEU A HD11 1 
ATOM   404 H HD12 . LEU A 1 28 ? -3.578 7.132   9.687   1.00 0.00 ? 28 LEU A HD12 1 
ATOM   405 H HD13 . LEU A 1 28 ? -4.476 8.334   10.646  1.00 0.00 ? 28 LEU A HD13 1 
ATOM   406 H HD21 . LEU A 1 28 ? -3.004 10.858  9.507   1.00 0.00 ? 28 LEU A HD21 1 
ATOM   407 H HD22 . LEU A 1 28 ? -3.241 10.652  11.261  1.00 0.00 ? 28 LEU A HD22 1 
ATOM   408 H HD23 . LEU A 1 28 ? -1.611 10.926  10.596  1.00 0.00 ? 28 LEU A HD23 1 
ATOM   409 N N    . SER A 1 29 ? 0.465  6.726   13.407  1.00 0.00 ? 29 SER A N    1 
ATOM   410 C CA   . SER A 1 29 ? 0.858  6.031   14.663  1.00 0.00 ? 29 SER A CA   1 
ATOM   411 C C    . SER A 1 29 ? 2.190  6.567   15.273  1.00 0.00 ? 29 SER A C    1 
ATOM   412 O O    . SER A 1 29 ? 2.188  7.119   16.373  1.00 0.00 ? 29 SER A O    1 
ATOM   413 C CB   . SER A 1 29 ? 0.857  4.504   14.409  1.00 0.00 ? 29 SER A CB   1 
ATOM   414 O OG   . SER A 1 29 ? 1.072  3.787   15.618  1.00 0.00 ? 29 SER A OG   1 
ATOM   415 H H    . SER A 1 29 ? 0.565  6.280   12.489  1.00 0.00 ? 29 SER A H    1 
ATOM   416 H HA   . SER A 1 29 ? 0.060  6.211   15.411  1.00 0.00 ? 29 SER A HA   1 
ATOM   417 H HB2  . SER A 1 29 ? -0.108 4.177   13.976  1.00 0.00 ? 29 SER A HB2  1 
ATOM   418 H HB3  . SER A 1 29 ? 1.635  4.220   13.673  1.00 0.00 ? 29 SER A HB3  1 
ATOM   419 H HG   . SER A 1 29 ? 1.925  4.076   15.951  1.00 0.00 ? 29 SER A HG   1 
HETATM 420 N N    . NH2 A 1 30 ? 3.337  6.438   14.612  1.00 0.00 ? 30 NH2 A N    1 
HETATM 421 H HN1  . NH2 A 1 30 ? 3.292  5.975   13.698  1.00 0.00 ? 30 NH2 A HN1  1 
HETATM 422 H HN2  . NH2 A 1 30 ? 4.175  6.815   15.070  1.00 0.00 ? 30 NH2 A HN2  1 
# 
